data_4DXE
#
_entry.id   4DXE
#
_cell.length_a   76.968
_cell.length_b   102.961
_cell.length_c   77.298
_cell.angle_alpha   90.00
_cell.angle_beta   115.87
_cell.angle_gamma   90.00
#
_symmetry.space_group_name_H-M   'P 1 21 1'
#
loop_
_entity.id
_entity.type
_entity.pdbx_description
1 polymer 'acyl-carrier-protein synthase'
2 polymer 'Acyl carrier protein'
3 non-polymer 'MALONATE ION'
4 water water
#
loop_
_entity_poly.entity_id
_entity_poly.type
_entity_poly.pdbx_seq_one_letter_code
_entity_poly.pdbx_strand_id
1 'polypeptide(L)'
;MHHHHHHSSGVDLGTENLYFQSNAMIHGIGVDLIEIDRIQALYSKQPKLVERILTKNEQHKFNNFTHEQRKIEFLAGRFA
TKEAFSKALGTGLGKHVAFNDIDCYNDELGKPKIDYEGFIVHVSISHTEHYAMSQVVLEKSAF
;
A,B,C,D,E,F
2 'polypeptide(L)'
;MHHHHHHSSGVDLGTENLYFQSNAMENFDKVKDIIVDRLGVDADKVTEDASFKDDLGADSLDIAELVMELEDEFGTEIPD
EEAEKINTVGDAVKFINSLEK
;
H,L,K,G,J,I
#
# COMPACT_ATOMS: atom_id res chain seq x y z
N ASN A 23 23.37 31.21 -22.79
CA ASN A 23 21.92 31.34 -23.11
C ASN A 23 21.23 29.99 -23.14
N ALA A 24 20.62 29.64 -22.01
CA ALA A 24 19.92 28.38 -21.90
C ALA A 24 18.64 28.39 -22.74
N MET A 25 18.25 27.21 -23.20
CA MET A 25 17.04 27.02 -23.98
C MET A 25 15.86 26.91 -23.03
N ILE A 26 16.10 26.29 -21.89
CA ILE A 26 15.08 26.08 -20.88
C ILE A 26 15.19 27.01 -19.69
N HIS A 27 14.04 27.48 -19.22
CA HIS A 27 14.00 28.37 -18.07
C HIS A 27 14.07 27.58 -16.77
N GLY A 28 13.25 26.53 -16.69
CA GLY A 28 13.21 25.68 -15.51
C GLY A 28 12.30 24.50 -15.76
N ILE A 29 12.51 23.41 -15.02
CA ILE A 29 11.67 22.24 -15.14
C ILE A 29 11.04 22.00 -13.78
N GLY A 30 9.84 21.44 -13.76
CA GLY A 30 9.17 21.15 -12.51
C GLY A 30 8.45 19.83 -12.55
N VAL A 31 8.34 19.17 -11.40
CA VAL A 31 7.64 17.90 -11.32
C VAL A 31 6.85 17.82 -10.04
N ASP A 32 5.69 17.15 -10.09
CA ASP A 32 4.90 17.00 -8.88
C ASP A 32 4.19 15.65 -8.84
N LEU A 33 4.26 15.00 -7.68
CA LEU A 33 3.60 13.71 -7.47
C LEU A 33 2.59 13.91 -6.35
N ILE A 34 1.38 13.41 -6.51
CA ILE A 34 0.37 13.60 -5.46
C ILE A 34 -0.55 12.39 -5.31
N GLU A 35 -0.97 12.12 -4.08
CA GLU A 35 -1.85 10.99 -3.80
C GLU A 35 -3.31 11.31 -4.11
N ILE A 36 -3.90 10.58 -5.05
CA ILE A 36 -5.30 10.78 -5.45
C ILE A 36 -6.26 10.82 -4.24
N ASP A 37 -6.14 9.86 -3.35
CA ASP A 37 -6.99 9.80 -2.17
C ASP A 37 -6.94 11.05 -1.29
N ARG A 38 -5.79 11.73 -1.25
CA ARG A 38 -5.70 12.96 -0.46
C ARG A 38 -6.54 14.06 -1.11
N ILE A 39 -6.54 14.09 -2.43
CA ILE A 39 -7.33 15.05 -3.21
C ILE A 39 -8.82 14.76 -3.05
N GLN A 40 -9.19 13.49 -3.14
CA GLN A 40 -10.58 13.08 -2.98
C GLN A 40 -11.06 13.46 -1.59
N ALA A 41 -10.23 13.23 -0.59
CA ALA A 41 -10.58 13.54 0.78
C ALA A 41 -10.86 15.03 0.99
N LEU A 42 -10.02 15.89 0.42
CA LEU A 42 -10.21 17.31 0.59
C LEU A 42 -11.44 17.76 -0.19
N TYR A 43 -11.58 17.24 -1.41
CA TYR A 43 -12.73 17.56 -2.23
C TYR A 43 -14.03 17.23 -1.49
N SER A 44 -14.08 16.05 -0.88
CA SER A 44 -15.27 15.61 -0.15
C SER A 44 -15.63 16.43 1.10
N LYS A 45 -14.67 17.11 1.71
CA LYS A 45 -14.97 17.91 2.90
C LYS A 45 -15.10 19.39 2.52
N GLN A 46 -14.46 19.77 1.43
CA GLN A 46 -14.48 21.14 1.00
C GLN A 46 -14.61 21.19 -0.52
N PRO A 47 -15.84 21.08 -1.05
CA PRO A 47 -16.06 21.13 -2.52
C PRO A 47 -15.47 22.39 -3.14
N LYS A 48 -15.36 23.42 -2.30
CA LYS A 48 -14.80 24.72 -2.64
C LYS A 48 -13.41 24.59 -3.32
N LEU A 49 -12.77 23.43 -3.13
CA LEU A 49 -11.47 23.14 -3.73
C LEU A 49 -11.50 23.29 -5.25
N VAL A 50 -12.62 22.91 -5.87
CA VAL A 50 -12.75 22.99 -7.32
C VAL A 50 -12.53 24.42 -7.81
N GLU A 51 -13.34 25.34 -7.32
CA GLU A 51 -13.28 26.74 -7.71
C GLU A 51 -11.94 27.40 -7.37
N ARG A 52 -11.30 26.92 -6.32
CA ARG A 52 -10.02 27.50 -5.91
C ARG A 52 -8.85 27.03 -6.79
N ILE A 53 -8.94 25.80 -7.29
CA ILE A 53 -7.89 25.20 -8.12
C ILE A 53 -8.08 25.24 -9.63
N LEU A 54 -9.33 25.17 -10.11
CA LEU A 54 -9.60 25.17 -11.54
C LEU A 54 -10.11 26.48 -12.10
N THR A 55 -9.77 26.76 -13.35
CA THR A 55 -10.27 27.95 -14.03
C THR A 55 -11.66 27.57 -14.49
N LYS A 56 -12.45 28.56 -14.86
CA LYS A 56 -13.82 28.30 -15.30
C LYS A 56 -13.84 27.31 -16.46
N ASN A 57 -12.87 27.44 -17.36
CA ASN A 57 -12.76 26.54 -18.51
C ASN A 57 -12.57 25.11 -18.01
N GLU A 58 -11.65 24.94 -17.07
CA GLU A 58 -11.38 23.64 -16.48
C GLU A 58 -12.56 23.11 -15.69
N GLN A 59 -13.30 24.02 -15.04
CA GLN A 59 -14.45 23.62 -14.24
C GLN A 59 -15.53 23.01 -15.12
N HIS A 60 -15.71 23.55 -16.31
CA HIS A 60 -16.70 23.00 -17.22
C HIS A 60 -16.34 21.57 -17.61
N LYS A 61 -15.09 21.36 -18.04
N LYS A 61 -15.08 21.39 -18.02
CA LYS A 61 -14.66 20.02 -18.43
CA LYS A 61 -14.56 20.08 -18.42
C LYS A 61 -14.81 19.06 -17.24
C LYS A 61 -14.74 19.08 -17.26
N PHE A 62 -14.41 19.52 -16.06
CA PHE A 62 -14.52 18.73 -14.85
C PHE A 62 -15.96 18.27 -14.64
N ASN A 63 -16.91 19.20 -14.83
CA ASN A 63 -18.34 18.94 -14.67
C ASN A 63 -18.97 18.06 -15.76
N ASN A 64 -18.28 17.94 -16.90
N ASN A 64 -18.27 17.94 -16.89
CA ASN A 64 -18.76 17.10 -18.01
CA ASN A 64 -18.74 17.14 -18.01
C ASN A 64 -18.66 15.62 -17.68
C ASN A 64 -18.61 15.63 -17.73
N PHE A 65 -17.75 15.26 -16.78
CA PHE A 65 -17.54 13.84 -16.40
C PHE A 65 -18.59 13.36 -15.42
N THR A 66 -18.95 12.08 -15.52
CA THR A 66 -19.94 11.49 -14.62
C THR A 66 -19.34 10.44 -13.68
N HIS A 67 -18.18 9.92 -14.04
CA HIS A 67 -17.48 8.90 -13.25
C HIS A 67 -16.61 9.65 -12.23
N GLU A 68 -17.02 9.61 -10.95
CA GLU A 68 -16.29 10.31 -9.90
C GLU A 68 -14.78 10.05 -9.92
N GLN A 69 -14.37 8.79 -10.14
CA GLN A 69 -12.94 8.46 -10.20
C GLN A 69 -12.21 9.36 -11.21
N ARG A 70 -12.76 9.46 -12.42
CA ARG A 70 -12.16 10.28 -13.48
C ARG A 70 -12.17 11.76 -13.12
N LYS A 71 -13.23 12.15 -12.44
CA LYS A 71 -13.45 13.50 -12.01
C LYS A 71 -12.34 13.90 -11.02
N ILE A 72 -12.04 12.99 -10.08
CA ILE A 72 -11.00 13.22 -9.09
C ILE A 72 -9.59 13.13 -9.73
N GLU A 73 -9.38 12.19 -10.65
CA GLU A 73 -8.08 12.11 -11.35
C GLU A 73 -7.78 13.46 -12.00
N PHE A 74 -8.72 13.90 -12.83
CA PHE A 74 -8.59 15.17 -13.54
C PHE A 74 -8.14 16.24 -12.57
N LEU A 75 -8.92 16.45 -11.50
CA LEU A 75 -8.60 17.45 -10.49
C LEU A 75 -7.21 17.26 -9.89
N ALA A 76 -6.85 16.00 -9.59
CA ALA A 76 -5.54 15.69 -9.04
C ALA A 76 -4.46 16.03 -10.06
N GLY A 77 -4.75 15.73 -11.32
CA GLY A 77 -3.81 16.01 -12.38
C GLY A 77 -3.56 17.48 -12.54
N ARG A 78 -4.63 18.28 -12.52
CA ARG A 78 -4.47 19.74 -12.66
C ARG A 78 -3.68 20.29 -11.51
N PHE A 79 -4.05 19.94 -10.29
CA PHE A 79 -3.35 20.40 -9.12
C PHE A 79 -1.86 20.16 -9.26
N ALA A 80 -1.49 18.93 -9.62
CA ALA A 80 -0.09 18.57 -9.79
C ALA A 80 0.54 19.47 -10.83
N THR A 81 -0.07 19.52 -12.00
CA THR A 81 0.44 20.34 -13.09
C THR A 81 0.76 21.78 -12.62
N LYS A 82 -0.20 22.43 -11.98
CA LYS A 82 -0.02 23.82 -11.53
C LYS A 82 1.04 23.95 -10.42
N GLU A 83 1.16 22.93 -9.59
CA GLU A 83 2.16 22.92 -8.55
C GLU A 83 3.53 22.83 -9.22
N ALA A 84 3.66 21.93 -10.21
CA ALA A 84 4.91 21.75 -10.94
C ALA A 84 5.24 22.98 -11.77
N PHE A 85 4.20 23.61 -12.29
CA PHE A 85 4.37 24.82 -13.08
C PHE A 85 5.02 25.88 -12.21
N SER A 86 4.59 26.00 -10.96
CA SER A 86 5.15 27.00 -10.02
C SER A 86 6.63 26.75 -9.77
N LYS A 87 7.00 25.48 -9.61
CA LYS A 87 8.39 25.12 -9.38
C LYS A 87 9.22 25.45 -10.63
N ALA A 88 8.65 25.22 -11.80
CA ALA A 88 9.32 25.49 -13.08
C ALA A 88 9.51 26.98 -13.28
N LEU A 89 8.47 27.74 -12.93
CA LEU A 89 8.50 29.16 -13.11
C LEU A 89 9.51 29.84 -12.18
N GLY A 90 9.64 29.35 -10.95
CA GLY A 90 10.57 29.92 -9.99
C GLY A 90 10.19 31.32 -9.56
N VAL A 97 -1.12 35.36 -11.34
CA VAL A 97 -0.74 34.63 -10.12
C VAL A 97 -1.97 34.04 -9.44
N ALA A 98 -2.00 32.72 -9.30
CA ALA A 98 -3.12 32.00 -8.65
C ALA A 98 -3.49 30.75 -9.45
N PHE A 99 -3.74 29.65 -8.75
CA PHE A 99 -4.11 28.39 -9.39
C PHE A 99 -5.32 28.48 -10.33
N ASN A 100 -6.37 29.19 -9.91
CA ASN A 100 -7.58 29.30 -10.72
C ASN A 100 -7.49 30.30 -11.89
N ASP A 101 -6.30 30.87 -12.09
CA ASP A 101 -6.04 31.78 -13.20
C ASP A 101 -5.22 31.06 -14.27
N ILE A 102 -4.59 29.95 -13.87
CA ILE A 102 -3.73 29.16 -14.76
C ILE A 102 -4.53 28.08 -15.46
N ASP A 103 -4.79 28.29 -16.75
CA ASP A 103 -5.59 27.33 -17.52
C ASP A 103 -4.76 26.25 -18.22
N CYS A 104 -4.93 25.01 -17.80
CA CYS A 104 -4.24 23.91 -18.44
C CYS A 104 -5.25 23.28 -19.36
N TYR A 105 -4.95 23.29 -20.66
CA TYR A 105 -5.82 22.72 -21.67
C TYR A 105 -5.02 21.76 -22.55
N ASN A 106 -5.69 21.13 -23.51
CA ASN A 106 -5.02 20.22 -24.43
C ASN A 106 -4.89 20.90 -25.79
N ASP A 107 -3.69 20.82 -26.38
CA ASP A 107 -3.44 21.48 -27.66
C ASP A 107 -3.86 20.64 -28.86
N GLU A 108 -3.63 21.19 -30.05
CA GLU A 108 -3.93 20.53 -31.32
C GLU A 108 -3.66 19.01 -31.32
N LEU A 109 -2.53 18.61 -30.75
CA LEU A 109 -2.14 17.19 -30.72
C LEU A 109 -2.65 16.44 -29.50
N GLY A 110 -3.37 17.15 -28.61
CA GLY A 110 -3.92 16.55 -27.41
C GLY A 110 -2.93 16.51 -26.25
N LYS A 111 -1.98 17.44 -26.24
CA LYS A 111 -0.98 17.52 -25.18
C LYS A 111 -1.36 18.63 -24.20
N PRO A 112 -1.30 18.34 -22.90
CA PRO A 112 -1.64 19.40 -21.96
C PRO A 112 -0.74 20.59 -22.21
N LYS A 113 -1.20 21.79 -21.87
CA LYS A 113 -0.41 22.97 -22.09
C LYS A 113 -0.96 24.18 -21.34
N ILE A 114 -0.09 25.17 -21.12
CA ILE A 114 -0.44 26.39 -20.45
C ILE A 114 0.15 27.53 -21.27
N ASP A 115 -0.47 28.70 -21.24
CA ASP A 115 0.06 29.85 -21.96
C ASP A 115 0.61 30.81 -20.93
N TYR A 116 1.75 31.40 -21.25
CA TYR A 116 2.39 32.32 -20.35
C TYR A 116 3.39 33.08 -21.22
N GLU A 117 3.09 34.35 -21.52
CA GLU A 117 3.93 35.19 -22.38
C GLU A 117 5.41 35.07 -22.05
N GLY A 118 6.20 34.78 -23.08
CA GLY A 118 7.64 34.63 -22.92
C GLY A 118 8.13 33.20 -22.97
N PHE A 119 7.21 32.25 -22.80
CA PHE A 119 7.59 30.83 -22.82
C PHE A 119 6.63 29.98 -23.63
N ILE A 120 7.09 28.77 -23.94
CA ILE A 120 6.31 27.73 -24.59
C ILE A 120 6.28 26.73 -23.44
N VAL A 121 5.11 26.44 -22.89
CA VAL A 121 5.04 25.53 -21.77
C VAL A 121 4.63 24.15 -22.24
N HIS A 122 5.44 23.15 -21.91
CA HIS A 122 5.16 21.77 -22.28
C HIS A 122 4.76 21.01 -21.05
N VAL A 123 3.65 20.29 -21.13
CA VAL A 123 3.15 19.57 -19.98
C VAL A 123 2.79 18.13 -20.26
N SER A 124 2.93 17.29 -19.26
CA SER A 124 2.53 15.88 -19.38
C SER A 124 2.04 15.41 -18.03
N ILE A 125 0.94 14.67 -18.06
CA ILE A 125 0.30 14.14 -16.86
C ILE A 125 0.11 12.64 -17.01
N SER A 126 0.20 11.91 -15.90
CA SER A 126 0.03 10.47 -15.91
C SER A 126 -0.67 10.06 -14.62
N HIS A 127 -1.64 9.14 -14.72
CA HIS A 127 -2.36 8.67 -13.54
C HIS A 127 -2.20 7.19 -13.34
N THR A 128 -2.46 6.78 -12.09
CA THR A 128 -2.48 5.39 -11.69
C THR A 128 -3.71 5.39 -10.79
N GLU A 129 -3.96 4.33 -10.05
CA GLU A 129 -5.14 4.32 -9.20
C GLU A 129 -4.96 5.16 -7.95
N HIS A 130 -3.72 5.34 -7.49
CA HIS A 130 -3.50 6.10 -6.26
C HIS A 130 -2.62 7.34 -6.40
N TYR A 131 -2.04 7.55 -7.58
CA TYR A 131 -1.17 8.69 -7.79
C TYR A 131 -1.38 9.36 -9.13
N ALA A 132 -1.27 10.68 -9.11
CA ALA A 132 -1.37 11.49 -10.29
C ALA A 132 -0.07 12.29 -10.31
N MET A 133 0.55 12.43 -11.48
CA MET A 133 1.78 13.20 -11.56
C MET A 133 1.79 14.07 -12.80
N SER A 134 2.70 15.05 -12.81
CA SER A 134 2.80 15.95 -13.93
C SER A 134 4.18 16.55 -13.98
N GLN A 135 4.68 16.73 -15.20
CA GLN A 135 5.97 17.34 -15.41
C GLN A 135 5.77 18.58 -16.28
N VAL A 136 6.58 19.60 -16.01
CA VAL A 136 6.51 20.85 -16.75
C VAL A 136 7.90 21.32 -17.13
N VAL A 137 8.04 21.75 -18.39
CA VAL A 137 9.31 22.24 -18.91
C VAL A 137 9.05 23.55 -19.66
N LEU A 138 9.72 24.61 -19.22
CA LEU A 138 9.52 25.92 -19.83
C LEU A 138 10.66 26.37 -20.73
N GLU A 139 10.42 26.42 -22.04
CA GLU A 139 11.43 26.96 -22.95
C GLU A 139 11.19 28.45 -22.88
N LYS A 140 12.16 29.24 -23.30
CA LYS A 140 11.99 30.68 -23.27
C LYS A 140 12.06 31.28 -24.66
N SER A 141 12.75 32.41 -24.82
CA SER A 141 12.86 33.06 -26.13
C SER A 141 13.99 34.09 -26.15
N ALA B 24 9.28 26.64 -31.83
CA ALA B 24 9.88 25.98 -30.64
C ALA B 24 10.97 24.96 -31.01
N MET B 25 11.83 24.65 -30.03
CA MET B 25 12.93 23.71 -30.22
C MET B 25 12.55 22.32 -29.70
N ILE B 26 11.64 22.29 -28.72
CA ILE B 26 11.15 21.03 -28.16
C ILE B 26 9.73 20.80 -28.70
N HIS B 27 9.51 19.63 -29.29
CA HIS B 27 8.20 19.30 -29.83
C HIS B 27 7.22 19.06 -28.70
N GLY B 28 7.61 18.23 -27.75
CA GLY B 28 6.77 17.92 -26.61
C GLY B 28 7.48 17.02 -25.63
N ILE B 29 6.89 16.85 -24.46
CA ILE B 29 7.46 16.02 -23.42
C ILE B 29 6.40 15.03 -22.96
N GLY B 30 6.83 13.93 -22.37
CA GLY B 30 5.88 12.93 -21.89
C GLY B 30 6.41 12.17 -20.68
N VAL B 31 5.50 11.71 -19.85
CA VAL B 31 5.87 10.94 -18.66
C VAL B 31 4.78 9.91 -18.41
N ASP B 32 5.15 8.73 -17.95
CA ASP B 32 4.16 7.70 -17.64
C ASP B 32 4.54 6.97 -16.37
N LEU B 33 3.54 6.61 -15.59
CA LEU B 33 3.73 5.92 -14.34
C LEU B 33 2.79 4.73 -14.34
N ILE B 34 3.34 3.52 -14.21
CA ILE B 34 2.52 2.31 -14.24
C ILE B 34 2.80 1.39 -13.05
N GLU B 35 1.76 0.67 -12.59
CA GLU B 35 1.91 -0.29 -11.50
C GLU B 35 2.47 -1.57 -12.08
N ILE B 36 3.64 -1.99 -11.62
CA ILE B 36 4.26 -3.21 -12.12
C ILE B 36 3.37 -4.44 -11.97
N ASP B 37 2.64 -4.52 -10.85
CA ASP B 37 1.75 -5.66 -10.63
C ASP B 37 0.68 -5.82 -11.71
N ARG B 38 0.28 -4.71 -12.31
CA ARG B 38 -0.72 -4.79 -13.37
C ARG B 38 -0.09 -5.41 -14.61
N ILE B 39 1.20 -5.14 -14.83
CA ILE B 39 1.95 -5.73 -15.96
C ILE B 39 2.10 -7.23 -15.72
N GLN B 40 2.46 -7.58 -14.48
CA GLN B 40 2.61 -8.97 -14.06
C GLN B 40 1.31 -9.76 -14.22
N ALA B 41 0.19 -9.14 -13.89
CA ALA B 41 -1.11 -9.79 -13.99
C ALA B 41 -1.46 -10.08 -15.45
N LEU B 42 -1.35 -9.05 -16.27
CA LEU B 42 -1.67 -9.15 -17.67
C LEU B 42 -0.73 -10.11 -18.38
N TYR B 43 0.56 -10.00 -18.10
CA TYR B 43 1.53 -10.89 -18.74
C TYR B 43 1.27 -12.36 -18.38
N SER B 44 0.89 -12.60 -17.13
N SER B 44 0.89 -12.60 -17.13
CA SER B 44 0.61 -13.95 -16.65
CA SER B 44 0.62 -13.95 -16.65
C SER B 44 -0.58 -14.60 -17.34
C SER B 44 -0.58 -14.60 -17.35
N LYS B 45 -1.60 -13.80 -17.63
CA LYS B 45 -2.81 -14.32 -18.29
C LYS B 45 -2.68 -14.29 -19.80
N GLN B 46 -1.90 -13.34 -20.30
CA GLN B 46 -1.74 -13.15 -21.74
C GLN B 46 -0.27 -13.09 -22.11
N PRO B 47 0.28 -14.21 -22.58
CA PRO B 47 1.69 -14.28 -22.91
C PRO B 47 2.10 -13.45 -24.14
N LYS B 48 1.25 -13.40 -25.16
CA LYS B 48 1.57 -12.64 -26.38
C LYS B 48 1.64 -11.14 -26.18
N LEU B 49 1.66 -10.70 -24.93
CA LEU B 49 1.77 -9.29 -24.59
C LEU B 49 3.16 -8.78 -24.91
N VAL B 50 4.14 -9.68 -24.79
CA VAL B 50 5.54 -9.36 -25.07
C VAL B 50 5.75 -9.00 -26.54
N GLU B 51 5.18 -9.80 -27.43
CA GLU B 51 5.32 -9.55 -28.87
C GLU B 51 4.50 -8.34 -29.32
N ARG B 52 3.59 -7.90 -28.46
CA ARG B 52 2.74 -6.76 -28.75
C ARG B 52 3.37 -5.46 -28.28
N ILE B 53 4.08 -5.52 -27.16
CA ILE B 53 4.72 -4.33 -26.59
C ILE B 53 6.21 -4.22 -26.93
N LEU B 54 6.93 -5.33 -26.90
CA LEU B 54 8.36 -5.29 -27.18
C LEU B 54 8.74 -5.63 -28.62
N THR B 55 9.78 -4.94 -29.10
CA THR B 55 10.31 -5.18 -30.45
C THR B 55 11.30 -6.31 -30.33
N LYS B 56 11.63 -6.94 -31.45
CA LYS B 56 12.58 -8.03 -31.42
C LYS B 56 13.87 -7.65 -30.71
N ASN B 57 14.35 -6.43 -30.92
CA ASN B 57 15.59 -6.00 -30.29
C ASN B 57 15.46 -6.06 -28.78
N GLU B 58 14.32 -5.56 -28.28
CA GLU B 58 14.02 -5.56 -26.85
C GLU B 58 13.75 -6.97 -26.33
N GLN B 59 13.25 -7.83 -27.21
CA GLN B 59 12.96 -9.22 -26.82
C GLN B 59 14.24 -9.99 -26.49
N HIS B 60 15.36 -9.59 -27.08
CA HIS B 60 16.62 -10.26 -26.76
C HIS B 60 16.94 -10.04 -25.29
N LYS B 61 16.81 -8.79 -24.85
CA LYS B 61 17.09 -8.42 -23.47
C LYS B 61 16.12 -9.13 -22.54
N PHE B 62 14.84 -9.11 -22.90
CA PHE B 62 13.80 -9.75 -22.09
C PHE B 62 14.03 -11.25 -21.92
N ASN B 63 14.27 -11.95 -23.02
CA ASN B 63 14.49 -13.40 -23.00
C ASN B 63 15.78 -13.83 -22.31
N ASN B 64 16.71 -12.90 -22.12
CA ASN B 64 17.96 -13.23 -21.45
C ASN B 64 17.93 -13.10 -19.93
N PHE B 65 16.92 -12.44 -19.39
CA PHE B 65 16.80 -12.34 -17.94
C PHE B 65 16.29 -13.68 -17.44
N THR B 66 16.87 -14.18 -16.35
CA THR B 66 16.43 -15.45 -15.78
C THR B 66 15.67 -15.22 -14.50
N HIS B 67 15.70 -13.98 -14.01
CA HIS B 67 15.00 -13.58 -12.79
C HIS B 67 13.68 -12.95 -13.19
N GLU B 68 12.59 -13.66 -12.96
CA GLU B 68 11.25 -13.22 -13.34
C GLU B 68 10.84 -11.79 -12.94
N GLN B 69 11.18 -11.32 -11.73
CA GLN B 69 10.79 -9.96 -11.37
C GLN B 69 11.50 -8.96 -12.28
N ARG B 70 12.69 -9.33 -12.73
CA ARG B 70 13.46 -8.46 -13.62
C ARG B 70 12.79 -8.39 -14.99
N LYS B 71 12.34 -9.54 -15.50
CA LYS B 71 11.62 -9.57 -16.78
C LYS B 71 10.42 -8.65 -16.72
N ILE B 72 9.65 -8.76 -15.64
CA ILE B 72 8.44 -7.96 -15.47
C ILE B 72 8.78 -6.48 -15.29
N GLU B 73 9.82 -6.19 -14.53
CA GLU B 73 10.25 -4.83 -14.31
C GLU B 73 10.60 -4.17 -15.65
N PHE B 74 11.40 -4.86 -16.45
CA PHE B 74 11.82 -4.39 -17.78
C PHE B 74 10.64 -4.20 -18.72
N LEU B 75 9.66 -5.08 -18.61
CA LEU B 75 8.47 -5.03 -19.45
C LEU B 75 7.62 -3.82 -19.10
N ALA B 76 7.48 -3.57 -17.80
CA ALA B 76 6.70 -2.45 -17.31
C ALA B 76 7.37 -1.14 -17.71
N GLY B 77 8.70 -1.11 -17.66
CA GLY B 77 9.46 0.08 -18.03
C GLY B 77 9.35 0.45 -19.50
N ARG B 78 9.43 -0.55 -20.38
CA ARG B 78 9.31 -0.29 -21.81
C ARG B 78 7.91 0.17 -22.14
N PHE B 79 6.93 -0.33 -21.39
CA PHE B 79 5.55 0.06 -21.59
C PHE B 79 5.39 1.52 -21.15
N ALA B 80 5.95 1.87 -20.00
CA ALA B 80 5.88 3.25 -19.52
C ALA B 80 6.57 4.16 -20.55
N THR B 81 7.66 3.69 -21.12
CA THR B 81 8.40 4.45 -22.13
C THR B 81 7.55 4.68 -23.38
N LYS B 82 7.00 3.60 -23.92
CA LYS B 82 6.18 3.67 -25.12
C LYS B 82 4.98 4.59 -24.94
N GLU B 83 4.42 4.59 -23.73
CA GLU B 83 3.29 5.48 -23.39
C GLU B 83 3.76 6.91 -23.29
N ALA B 84 4.92 7.14 -22.70
CA ALA B 84 5.47 8.48 -22.55
C ALA B 84 5.77 9.04 -23.93
N PHE B 85 6.34 8.20 -24.79
CA PHE B 85 6.70 8.60 -26.15
C PHE B 85 5.48 9.02 -26.95
N SER B 86 4.37 8.29 -26.80
CA SER B 86 3.14 8.61 -27.52
C SER B 86 2.54 9.93 -27.04
N LYS B 87 2.66 10.21 -25.74
CA LYS B 87 2.15 11.45 -25.18
C LYS B 87 3.05 12.61 -25.60
N ALA B 88 4.35 12.34 -25.71
CA ALA B 88 5.30 13.38 -26.09
C ALA B 88 5.06 13.81 -27.54
N LEU B 89 4.82 12.82 -28.39
CA LEU B 89 4.58 13.06 -29.79
C LEU B 89 3.25 13.72 -30.02
N GLY B 90 2.27 13.34 -29.19
CA GLY B 90 0.92 13.86 -29.31
C GLY B 90 0.10 12.85 -30.11
N THR B 91 -0.44 11.86 -29.41
CA THR B 91 -1.25 10.80 -30.03
C THR B 91 -1.02 10.70 -31.54
N GLY B 92 -1.88 11.36 -32.32
CA GLY B 92 -1.78 11.35 -33.77
C GLY B 92 -3.12 11.65 -34.43
N VAL B 97 1.44 4.95 -34.39
CA VAL B 97 2.63 4.57 -33.63
C VAL B 97 2.42 3.35 -32.74
N ALA B 98 2.71 2.18 -33.29
CA ALA B 98 2.55 0.91 -32.57
C ALA B 98 3.66 0.68 -31.54
N PHE B 99 3.31 0.05 -30.43
CA PHE B 99 4.28 -0.27 -29.37
C PHE B 99 5.49 -1.00 -29.92
N ASN B 100 5.25 -2.08 -30.65
CA ASN B 100 6.35 -2.90 -31.19
C ASN B 100 7.07 -2.31 -32.42
N ASP B 101 6.97 -0.98 -32.61
CA ASP B 101 7.67 -0.26 -33.67
C ASP B 101 8.45 0.90 -33.07
N ILE B 102 8.54 0.91 -31.73
CA ILE B 102 9.26 1.93 -31.00
C ILE B 102 10.35 1.23 -30.22
N ASP B 103 11.50 1.02 -30.85
CA ASP B 103 12.61 0.36 -30.20
C ASP B 103 13.40 1.28 -29.28
N CYS B 104 13.33 1.03 -27.98
CA CYS B 104 14.09 1.80 -27.01
C CYS B 104 15.33 0.96 -26.74
N TYR B 105 16.50 1.53 -26.93
CA TYR B 105 17.75 0.79 -26.74
C TYR B 105 18.72 1.58 -25.84
N ASN B 106 19.70 0.90 -25.28
CA ASN B 106 20.69 1.55 -24.41
C ASN B 106 21.95 1.96 -25.16
N ASP B 107 22.88 2.58 -24.44
CA ASP B 107 24.14 3.05 -25.01
C ASP B 107 25.15 3.33 -23.90
N LYS B 111 22.44 3.83 -21.40
CA LYS B 111 21.56 4.99 -21.47
C LYS B 111 20.46 4.75 -22.50
N PRO B 112 19.18 4.91 -22.08
CA PRO B 112 18.02 4.68 -22.96
C PRO B 112 17.81 5.77 -24.02
N LYS B 113 17.45 5.34 -25.24
CA LYS B 113 17.23 6.25 -26.35
C LYS B 113 16.27 5.62 -27.37
N ILE B 114 15.72 6.45 -28.26
CA ILE B 114 14.81 6.01 -29.30
C ILE B 114 15.15 6.75 -30.60
N ASP B 115 14.83 6.14 -31.73
CA ASP B 115 15.07 6.77 -33.03
C ASP B 115 13.74 6.99 -33.73
N TYR B 116 13.49 8.24 -34.09
CA TYR B 116 12.28 8.62 -34.79
C TYR B 116 12.68 9.83 -35.60
N GLU B 117 12.67 9.68 -36.92
CA GLU B 117 13.10 10.75 -37.81
C GLU B 117 12.39 12.06 -37.54
N GLY B 118 13.17 13.13 -37.54
CA GLY B 118 12.64 14.46 -37.29
C GLY B 118 13.00 14.95 -35.89
N PHE B 119 13.10 14.04 -34.93
CA PHE B 119 13.40 14.42 -33.56
C PHE B 119 14.65 13.77 -32.98
N ILE B 120 15.08 14.31 -31.86
CA ILE B 120 16.19 13.79 -31.08
C ILE B 120 15.48 13.35 -29.82
N VAL B 121 15.27 12.05 -29.64
CA VAL B 121 14.52 11.55 -28.50
C VAL B 121 15.39 11.24 -27.27
N HIS B 122 15.10 11.93 -26.16
CA HIS B 122 15.81 11.71 -24.89
C HIS B 122 14.91 10.89 -23.99
N VAL B 123 15.49 9.96 -23.24
CA VAL B 123 14.73 9.06 -22.39
C VAL B 123 15.43 8.75 -21.07
N SER B 124 14.63 8.45 -20.05
CA SER B 124 15.14 8.05 -18.75
C SER B 124 14.07 7.18 -18.11
N ILE B 125 14.52 6.16 -17.39
CA ILE B 125 13.62 5.23 -16.72
C ILE B 125 14.01 5.04 -15.26
N SER B 126 13.02 4.71 -14.44
CA SER B 126 13.26 4.46 -13.02
C SER B 126 12.26 3.41 -12.55
N HIS B 127 12.70 2.55 -11.63
CA HIS B 127 11.86 1.51 -11.08
C HIS B 127 11.89 1.52 -9.54
N THR B 128 10.80 1.05 -8.95
CA THR B 128 10.70 0.87 -7.51
C THR B 128 10.15 -0.54 -7.47
N GLU B 129 9.80 -1.07 -6.31
CA GLU B 129 9.28 -2.43 -6.27
C GLU B 129 7.87 -2.54 -6.89
N HIS B 130 7.10 -1.47 -6.81
CA HIS B 130 5.73 -1.52 -7.33
C HIS B 130 5.44 -0.61 -8.53
N TYR B 131 6.26 0.40 -8.75
CA TYR B 131 6.04 1.31 -9.87
C TYR B 131 7.23 1.45 -10.78
N ALA B 132 6.92 1.75 -12.04
CA ALA B 132 7.92 1.98 -13.07
C ALA B 132 7.51 3.28 -13.73
N MET B 133 8.47 4.17 -13.99
CA MET B 133 8.14 5.41 -14.68
C MET B 133 9.20 5.73 -15.69
N SER B 134 8.79 6.43 -16.72
CA SER B 134 9.69 6.84 -17.76
C SER B 134 9.32 8.22 -18.22
N GLN B 135 10.30 8.95 -18.73
CA GLN B 135 10.03 10.27 -19.24
C GLN B 135 10.74 10.43 -20.58
N VAL B 136 10.04 11.08 -21.50
CA VAL B 136 10.55 11.30 -22.82
C VAL B 136 10.50 12.77 -23.19
N VAL B 137 11.56 13.25 -23.79
CA VAL B 137 11.63 14.62 -24.24
C VAL B 137 11.99 14.57 -25.71
N LEU B 138 11.08 15.03 -26.57
CA LEU B 138 11.34 15.06 -28.01
C LEU B 138 11.80 16.45 -28.42
N GLU B 139 13.04 16.52 -28.87
CA GLU B 139 13.63 17.77 -29.32
C GLU B 139 13.56 17.78 -30.84
N LYS B 140 13.32 18.95 -31.42
CA LYS B 140 13.23 19.09 -32.88
C LYS B 140 14.61 19.06 -33.55
N SER B 141 14.74 18.32 -34.64
CA SER B 141 16.02 18.20 -35.37
C SER B 141 16.71 19.55 -35.51
N ALA C 24 21.73 18.82 -31.12
CA ALA C 24 20.79 18.79 -29.95
C ALA C 24 21.24 19.75 -28.86
N MET C 25 20.29 20.46 -28.27
CA MET C 25 20.55 21.42 -27.20
C MET C 25 20.58 20.74 -25.83
N ILE C 26 19.97 19.57 -25.73
CA ILE C 26 19.93 18.82 -24.48
C ILE C 26 20.92 17.65 -24.53
N HIS C 27 21.65 17.44 -23.43
CA HIS C 27 22.61 16.34 -23.35
C HIS C 27 21.91 15.06 -22.91
N GLY C 28 21.03 15.20 -21.94
CA GLY C 28 20.30 14.06 -21.42
C GLY C 28 19.34 14.48 -20.34
N ILE C 29 18.40 13.59 -20.05
CA ILE C 29 17.43 13.85 -19.03
C ILE C 29 17.49 12.69 -18.09
N GLY C 30 17.08 12.91 -16.84
CA GLY C 30 17.11 11.85 -15.84
C GLY C 30 15.97 11.97 -14.89
N VAL C 31 15.50 10.84 -14.40
CA VAL C 31 14.42 10.82 -13.44
C VAL C 31 14.64 9.66 -12.49
N ASP C 32 14.13 9.80 -11.27
CA ASP C 32 14.28 8.75 -10.29
C ASP C 32 13.15 8.78 -9.27
N LEU C 33 12.59 7.61 -9.02
CA LEU C 33 11.55 7.43 -8.02
C LEU C 33 12.11 6.40 -7.03
N ILE C 34 11.95 6.66 -5.74
CA ILE C 34 12.42 5.73 -4.72
C ILE C 34 11.48 5.76 -3.53
N GLU C 35 11.41 4.66 -2.79
CA GLU C 35 10.54 4.58 -1.62
C GLU C 35 11.20 5.15 -0.41
N ILE C 36 10.52 6.09 0.22
CA ILE C 36 11.03 6.72 1.42
C ILE C 36 11.22 5.73 2.57
N ASP C 37 10.40 4.68 2.63
CA ASP C 37 10.53 3.70 3.73
C ASP C 37 11.84 2.92 3.62
N ARG C 38 12.38 2.80 2.40
CA ARG C 38 13.64 2.11 2.20
C ARG C 38 14.84 2.97 2.64
N ILE C 39 14.78 4.28 2.38
CA ILE C 39 15.85 5.20 2.80
C ILE C 39 15.86 5.24 4.33
N GLN C 40 14.66 5.37 4.90
CA GLN C 40 14.46 5.38 6.36
C GLN C 40 15.09 4.14 7.00
N ALA C 41 14.79 2.98 6.41
CA ALA C 41 15.31 1.70 6.89
C ALA C 41 16.84 1.66 6.87
N LEU C 42 17.44 2.08 5.76
CA LEU C 42 18.89 2.04 5.63
C LEU C 42 19.55 3.03 6.59
N TYR C 43 18.99 4.22 6.67
CA TYR C 43 19.53 5.22 7.56
C TYR C 43 19.47 4.74 9.00
N SER C 44 18.41 4.02 9.36
CA SER C 44 18.27 3.51 10.72
C SER C 44 19.32 2.47 11.04
N LYS C 45 19.60 1.57 10.10
CA LYS C 45 20.59 0.53 10.35
C LYS C 45 22.02 1.01 10.09
N GLN C 46 22.16 2.09 9.31
CA GLN C 46 23.48 2.63 8.98
C GLN C 46 23.51 4.16 8.87
N PRO C 47 23.75 4.84 10.00
CA PRO C 47 23.88 6.32 9.99
C PRO C 47 24.89 6.81 8.94
N LYS C 48 25.88 5.97 8.63
CA LYS C 48 26.92 6.28 7.63
C LYS C 48 26.34 6.62 6.26
N LEU C 49 25.16 6.09 5.96
CA LEU C 49 24.51 6.35 4.69
C LEU C 49 24.65 7.80 4.29
N VAL C 50 24.40 8.67 5.25
CA VAL C 50 24.45 10.10 5.04
C VAL C 50 25.74 10.58 4.43
N GLU C 51 26.86 10.27 5.06
CA GLU C 51 28.16 10.71 4.56
C GLU C 51 28.50 10.12 3.19
N ARG C 52 27.82 9.04 2.83
CA ARG C 52 28.05 8.42 1.54
C ARG C 52 27.19 9.05 0.44
N ILE C 53 26.05 9.63 0.80
CA ILE C 53 25.14 10.22 -0.19
C ILE C 53 25.18 11.74 -0.28
N LEU C 54 25.30 12.41 0.85
CA LEU C 54 25.29 13.86 0.88
C LEU C 54 26.66 14.51 0.94
N THR C 55 26.74 15.72 0.41
CA THR C 55 27.96 16.50 0.45
C THR C 55 28.01 17.15 1.82
N LYS C 56 29.18 17.65 2.22
CA LYS C 56 29.30 18.33 3.50
C LYS C 56 28.21 19.41 3.60
N ASN C 57 27.94 20.05 2.47
CA ASN C 57 26.94 21.09 2.36
C ASN C 57 25.56 20.52 2.72
N GLU C 58 25.18 19.46 2.01
CA GLU C 58 23.90 18.80 2.24
C GLU C 58 23.81 18.19 3.64
N GLN C 59 24.94 17.78 4.20
CA GLN C 59 24.94 17.19 5.54
C GLN C 59 24.50 18.20 6.57
N HIS C 60 24.84 19.47 6.37
CA HIS C 60 24.45 20.51 7.31
C HIS C 60 22.95 20.64 7.35
N LYS C 61 22.36 20.70 6.18
CA LYS C 61 20.92 20.86 6.03
C LYS C 61 20.19 19.68 6.66
N PHE C 62 20.68 18.48 6.39
CA PHE C 62 20.07 17.27 6.94
C PHE C 62 20.12 17.30 8.47
N ASN C 63 21.27 17.67 9.02
CA ASN C 63 21.45 17.73 10.47
C ASN C 63 20.68 18.85 11.17
N ASN C 64 20.33 19.89 10.42
CA ASN C 64 19.60 21.01 10.97
C ASN C 64 18.11 20.79 11.21
N PHE C 65 17.46 19.90 10.45
CA PHE C 65 16.02 19.64 10.65
C PHE C 65 15.81 18.91 11.99
N THR C 66 14.80 19.33 12.74
CA THR C 66 14.48 18.72 14.03
C THR C 66 13.40 17.63 13.90
N HIS C 67 12.74 17.62 12.74
CA HIS C 67 11.67 16.67 12.44
C HIS C 67 12.33 15.54 11.65
N GLU C 68 12.31 14.33 12.20
CA GLU C 68 12.93 13.17 11.57
C GLU C 68 12.29 12.79 10.24
N GLN C 69 11.00 13.03 10.12
CA GLN C 69 10.30 12.71 8.90
C GLN C 69 10.90 13.57 7.78
N ARG C 70 11.03 14.86 8.07
CA ARG C 70 11.57 15.80 7.10
C ARG C 70 13.01 15.43 6.67
N LYS C 71 13.81 14.93 7.61
CA LYS C 71 15.18 14.52 7.27
C LYS C 71 15.17 13.41 6.25
N ILE C 72 14.29 12.43 6.45
CA ILE C 72 14.19 11.30 5.55
C ILE C 72 13.72 11.72 4.17
N GLU C 73 12.84 12.71 4.13
CA GLU C 73 12.33 13.25 2.87
C GLU C 73 13.50 13.91 2.15
N PHE C 74 14.25 14.72 2.89
CA PHE C 74 15.40 15.40 2.32
C PHE C 74 16.39 14.38 1.76
N LEU C 75 16.77 13.39 2.57
CA LEU C 75 17.73 12.37 2.13
C LEU C 75 17.21 11.68 0.89
N ALA C 76 16.00 11.16 0.96
CA ALA C 76 15.35 10.49 -0.17
C ALA C 76 15.35 11.36 -1.43
N GLY C 77 15.01 12.63 -1.25
CA GLY C 77 14.95 13.57 -2.37
C GLY C 77 16.31 13.78 -3.00
N ARG C 78 17.33 13.80 -2.17
CA ARG C 78 18.67 14.00 -2.65
C ARG C 78 19.21 12.76 -3.37
N PHE C 79 18.95 11.59 -2.81
CA PHE C 79 19.39 10.34 -3.43
C PHE C 79 18.81 10.24 -4.85
N ALA C 80 17.52 10.50 -4.98
CA ALA C 80 16.84 10.45 -6.28
C ALA C 80 17.47 11.43 -7.26
N THR C 81 17.74 12.64 -6.79
CA THR C 81 18.36 13.67 -7.61
C THR C 81 19.70 13.23 -8.15
N LYS C 82 20.51 12.63 -7.29
CA LYS C 82 21.84 12.18 -7.68
C LYS C 82 21.74 11.03 -8.70
N GLU C 83 20.72 10.18 -8.55
CA GLU C 83 20.48 9.09 -9.51
C GLU C 83 19.97 9.69 -10.83
N ALA C 84 19.10 10.69 -10.73
CA ALA C 84 18.55 11.32 -11.91
C ALA C 84 19.65 12.08 -12.64
N PHE C 85 20.45 12.81 -11.88
CA PHE C 85 21.55 13.55 -12.46
C PHE C 85 22.50 12.62 -13.19
N SER C 86 22.87 11.55 -12.50
CA SER C 86 23.77 10.54 -13.02
C SER C 86 23.22 9.93 -14.32
N LYS C 87 21.90 9.74 -14.41
CA LYS C 87 21.29 9.20 -15.62
C LYS C 87 21.36 10.23 -16.76
N ALA C 88 21.23 11.51 -16.40
CA ALA C 88 21.31 12.60 -17.37
C ALA C 88 22.69 12.59 -18.05
N LEU C 89 23.75 12.36 -17.27
CA LEU C 89 25.11 12.28 -17.82
C LEU C 89 25.30 11.03 -18.67
N GLY C 90 24.81 9.91 -18.17
CA GLY C 90 24.93 8.62 -18.87
C GLY C 90 24.73 7.45 -17.93
N ALA C 98 29.97 10.24 -8.43
CA ALA C 98 30.12 10.14 -6.98
C ALA C 98 29.06 11.00 -6.29
N PHE C 99 28.25 10.38 -5.44
CA PHE C 99 27.17 11.08 -4.73
C PHE C 99 27.69 12.33 -4.02
N ASN C 100 28.68 12.13 -3.14
CA ASN C 100 29.29 13.22 -2.36
C ASN C 100 29.81 14.39 -3.17
N ASP C 101 30.09 14.16 -4.44
CA ASP C 101 30.62 15.20 -5.32
C ASP C 101 29.55 15.95 -6.12
N ILE C 102 28.29 15.57 -5.94
CA ILE C 102 27.16 16.22 -6.62
C ILE C 102 26.38 16.98 -5.56
N ASP C 103 26.65 18.27 -5.45
CA ASP C 103 25.97 19.08 -4.44
C ASP C 103 24.69 19.72 -5.00
N CYS C 104 23.56 19.42 -4.37
CA CYS C 104 22.29 20.00 -4.78
C CYS C 104 21.86 20.94 -3.69
N TYR C 105 21.92 22.24 -3.98
CA TYR C 105 21.55 23.26 -3.01
C TYR C 105 20.28 23.99 -3.42
N ASN C 106 19.77 24.80 -2.50
CA ASN C 106 18.57 25.56 -2.74
C ASN C 106 18.96 27.04 -2.86
N ASP C 107 18.46 27.72 -3.89
CA ASP C 107 18.75 29.14 -4.08
C ASP C 107 17.94 30.02 -3.11
N GLU C 108 17.99 31.34 -3.30
CA GLU C 108 17.25 32.28 -2.44
C GLU C 108 15.74 31.98 -2.38
N LEU C 109 15.20 31.42 -3.45
CA LEU C 109 13.78 31.09 -3.54
C LEU C 109 13.49 29.71 -2.98
N GLY C 110 14.53 28.94 -2.70
CA GLY C 110 14.36 27.60 -2.20
C GLY C 110 14.18 26.66 -3.38
N LYS C 111 14.77 27.04 -4.51
CA LYS C 111 14.70 26.26 -5.73
C LYS C 111 15.98 25.40 -5.80
N PRO C 112 15.82 24.09 -6.03
CA PRO C 112 16.99 23.22 -6.05
C PRO C 112 17.87 23.43 -7.30
N LYS C 113 19.17 23.52 -7.09
CA LYS C 113 20.12 23.68 -8.18
C LYS C 113 21.31 22.76 -8.04
N ILE C 114 22.04 22.61 -9.13
CA ILE C 114 23.27 21.82 -9.17
C ILE C 114 24.25 22.51 -10.12
N ASP C 115 25.42 22.88 -9.61
CA ASP C 115 26.45 23.53 -10.42
C ASP C 115 27.34 22.46 -11.03
N TYR C 116 27.41 22.40 -12.36
CA TYR C 116 28.24 21.39 -13.01
C TYR C 116 28.82 21.93 -14.32
N GLU C 117 30.05 22.45 -14.24
CA GLU C 117 30.75 23.04 -15.38
C GLU C 117 30.61 22.19 -16.65
N GLY C 118 30.27 22.84 -17.76
CA GLY C 118 30.09 22.17 -19.04
C GLY C 118 28.63 21.88 -19.36
N PHE C 119 27.74 22.30 -18.47
CA PHE C 119 26.31 22.09 -18.65
C PHE C 119 25.50 23.08 -17.82
N ILE C 120 24.23 23.21 -18.20
CA ILE C 120 23.28 24.03 -17.48
C ILE C 120 22.31 22.99 -16.94
N VAL C 121 22.25 22.89 -15.61
CA VAL C 121 21.43 21.88 -14.98
C VAL C 121 20.13 22.43 -14.43
N HIS C 122 19.04 21.75 -14.75
CA HIS C 122 17.72 22.12 -14.26
C HIS C 122 17.27 20.95 -13.41
N VAL C 123 16.75 21.25 -12.23
CA VAL C 123 16.33 20.21 -11.30
C VAL C 123 14.96 20.51 -10.75
N SER C 124 14.31 19.48 -10.23
CA SER C 124 13.00 19.61 -9.60
C SER C 124 12.74 18.33 -8.82
N ILE C 125 12.26 18.47 -7.60
CA ILE C 125 11.99 17.35 -6.71
C ILE C 125 10.55 17.43 -6.22
N SER C 126 10.01 16.30 -5.80
CA SER C 126 8.64 16.23 -5.26
C SER C 126 8.57 15.05 -4.30
N HIS C 127 7.93 15.25 -3.15
CA HIS C 127 7.80 14.16 -2.17
C HIS C 127 6.33 13.89 -1.91
N THR C 128 6.06 12.68 -1.42
CA THR C 128 4.73 12.28 -1.00
C THR C 128 5.03 11.59 0.32
N GLU C 129 4.04 10.98 0.95
CA GLU C 129 4.35 10.34 2.22
C GLU C 129 5.20 9.08 2.06
N HIS C 130 5.12 8.42 0.91
CA HIS C 130 5.88 7.19 0.69
C HIS C 130 6.90 7.22 -0.45
N TYR C 131 6.74 8.14 -1.39
CA TYR C 131 7.67 8.21 -2.52
C TYR C 131 8.30 9.57 -2.68
N ALA C 132 9.55 9.58 -3.14
CA ALA C 132 10.28 10.80 -3.46
C ALA C 132 10.72 10.69 -4.91
N MET C 133 10.73 11.81 -5.63
CA MET C 133 11.17 11.76 -7.02
C MET C 133 11.90 13.02 -7.42
N SER C 134 12.89 12.85 -8.28
CA SER C 134 13.65 13.97 -8.77
C SER C 134 13.67 13.89 -10.26
N GLN C 135 13.75 15.05 -10.89
CA GLN C 135 13.77 15.12 -12.34
C GLN C 135 14.93 16.04 -12.72
N VAL C 136 15.81 15.56 -13.59
CA VAL C 136 16.94 16.36 -14.02
C VAL C 136 17.06 16.40 -15.53
N VAL C 137 17.43 17.58 -16.04
CA VAL C 137 17.64 17.77 -17.45
C VAL C 137 18.94 18.52 -17.59
N LEU C 138 19.83 18.00 -18.43
CA LEU C 138 21.13 18.64 -18.65
C LEU C 138 21.17 19.27 -20.03
N GLU C 139 21.45 20.55 -20.03
CA GLU C 139 21.51 21.33 -21.24
C GLU C 139 22.96 21.68 -21.53
N LYS C 140 23.42 21.38 -22.75
CA LYS C 140 24.80 21.67 -23.14
C LYS C 140 25.09 23.16 -23.02
N SER C 141 26.27 23.50 -22.51
CA SER C 141 26.67 24.89 -22.36
C SER C 141 27.87 25.20 -23.26
N ALA C 142 28.86 24.31 -23.26
CA ALA C 142 30.07 24.47 -24.07
C ALA C 142 30.98 25.52 -23.45
N ASN D 23 -26.02 -26.35 25.80
CA ASN D 23 -25.51 -27.18 24.68
C ASN D 23 -24.22 -26.59 24.12
N ALA D 24 -24.32 -25.37 23.62
CA ALA D 24 -23.19 -24.69 23.06
C ALA D 24 -22.64 -23.68 24.06
N MET D 25 -21.33 -23.74 24.29
CA MET D 25 -20.63 -22.83 25.19
C MET D 25 -20.64 -21.39 24.63
N ILE D 26 -20.29 -21.26 23.36
CA ILE D 26 -20.21 -19.97 22.66
C ILE D 26 -21.50 -19.59 21.91
N HIS D 27 -21.92 -18.33 22.08
CA HIS D 27 -23.11 -17.83 21.40
C HIS D 27 -22.77 -17.34 19.99
N GLY D 28 -21.61 -16.72 19.85
CA GLY D 28 -21.21 -16.22 18.55
C GLY D 28 -19.86 -15.54 18.61
N ILE D 29 -19.25 -15.35 17.45
CA ILE D 29 -17.95 -14.68 17.37
C ILE D 29 -18.00 -13.56 16.35
N GLY D 30 -17.03 -12.68 16.40
CA GLY D 30 -16.98 -11.56 15.48
C GLY D 30 -15.60 -10.99 15.33
N VAL D 31 -15.30 -10.55 14.11
CA VAL D 31 -14.01 -9.95 13.82
C VAL D 31 -14.26 -8.70 12.98
N ASP D 32 -13.32 -7.76 12.99
CA ASP D 32 -13.47 -6.56 12.19
C ASP D 32 -12.11 -5.95 11.89
N LEU D 33 -11.88 -5.66 10.61
CA LEU D 33 -10.65 -5.05 10.16
C LEU D 33 -11.06 -3.72 9.56
N ILE D 34 -10.36 -2.65 9.88
CA ILE D 34 -10.72 -1.33 9.33
C ILE D 34 -9.46 -0.48 9.09
N GLU D 35 -9.45 0.26 7.98
N GLU D 35 -9.43 0.25 7.97
CA GLU D 35 -8.32 1.12 7.63
CA GLU D 35 -8.28 1.10 7.64
C GLU D 35 -8.21 2.29 8.60
C GLU D 35 -8.20 2.29 8.59
N ILE D 36 -7.04 2.47 9.22
CA ILE D 36 -6.84 3.58 10.16
C ILE D 36 -7.11 4.93 9.46
N ASP D 37 -6.57 5.10 8.25
CA ASP D 37 -6.73 6.33 7.48
C ASP D 37 -8.18 6.74 7.20
N ARG D 38 -9.10 5.78 7.15
CA ARG D 38 -10.51 6.12 6.91
C ARG D 38 -11.14 6.65 8.20
N ILE D 39 -10.60 6.25 9.36
CA ILE D 39 -11.09 6.74 10.65
C ILE D 39 -10.61 8.19 10.74
N GLN D 40 -9.33 8.36 10.43
CA GLN D 40 -8.71 9.69 10.37
C GLN D 40 -9.51 10.65 9.53
N ALA D 41 -9.71 10.28 8.28
CA ALA D 41 -10.42 11.13 7.34
C ALA D 41 -11.78 11.51 7.90
N LEU D 42 -12.51 10.54 8.46
CA LEU D 42 -13.84 10.84 9.00
C LEU D 42 -13.78 11.77 10.21
N TYR D 43 -12.84 11.51 11.10
CA TYR D 43 -12.67 12.32 12.29
C TYR D 43 -12.26 13.72 11.88
N SER D 44 -11.33 13.79 10.93
CA SER D 44 -10.86 15.05 10.42
C SER D 44 -12.03 15.92 9.94
N LYS D 45 -13.01 15.33 9.25
CA LYS D 45 -14.18 16.08 8.75
C LYS D 45 -15.37 16.12 9.71
N GLN D 46 -15.56 15.05 10.49
CA GLN D 46 -16.71 15.00 11.38
C GLN D 46 -16.33 14.81 12.86
N PRO D 47 -16.07 15.92 13.57
CA PRO D 47 -15.70 15.89 14.98
C PRO D 47 -16.64 15.07 15.87
N LYS D 48 -17.96 15.23 15.69
CA LYS D 48 -18.92 14.47 16.51
C LYS D 48 -18.88 12.93 16.37
N LEU D 49 -17.95 12.41 15.60
CA LEU D 49 -17.78 10.96 15.47
C LEU D 49 -17.46 10.39 16.84
N VAL D 50 -16.61 11.09 17.59
CA VAL D 50 -16.22 10.67 18.94
C VAL D 50 -17.42 10.46 19.84
N GLU D 51 -18.35 11.42 19.84
CA GLU D 51 -19.54 11.35 20.65
C GLU D 51 -20.43 10.20 20.19
N ARG D 52 -20.35 9.88 18.91
CA ARG D 52 -21.19 8.84 18.34
C ARG D 52 -20.70 7.40 18.56
N ILE D 53 -19.39 7.21 18.66
CA ILE D 53 -18.82 5.87 18.83
C ILE D 53 -18.36 5.53 20.24
N LEU D 54 -17.90 6.54 20.98
CA LEU D 54 -17.39 6.33 22.31
C LEU D 54 -18.34 6.72 23.44
N THR D 55 -18.21 6.02 24.56
CA THR D 55 -18.98 6.30 25.77
C THR D 55 -18.28 7.44 26.49
N LYS D 56 -18.92 8.03 27.50
CA LYS D 56 -18.29 9.11 28.26
C LYS D 56 -16.99 8.59 28.89
N ASN D 57 -17.00 7.31 29.27
CA ASN D 57 -15.83 6.68 29.85
C ASN D 57 -14.72 6.64 28.79
N GLU D 58 -15.08 6.25 27.57
CA GLU D 58 -14.11 6.18 26.46
C GLU D 58 -13.69 7.56 25.96
N GLN D 59 -14.61 8.53 26.00
CA GLN D 59 -14.28 9.89 25.59
C GLN D 59 -13.22 10.47 26.52
N HIS D 60 -13.34 10.20 27.81
CA HIS D 60 -12.38 10.71 28.77
C HIS D 60 -10.96 10.20 28.49
N LYS D 61 -10.83 8.91 28.23
CA LYS D 61 -9.51 8.33 27.94
C LYS D 61 -8.97 8.91 26.65
N PHE D 62 -9.81 8.95 25.63
CA PHE D 62 -9.45 9.49 24.34
C PHE D 62 -8.91 10.93 24.48
N ASN D 63 -9.63 11.75 25.26
CA ASN D 63 -9.26 13.15 25.46
C ASN D 63 -7.96 13.36 26.22
N ASN D 64 -7.52 12.36 26.99
N ASN D 64 -7.53 12.35 26.97
CA ASN D 64 -6.28 12.47 27.76
CA ASN D 64 -6.30 12.43 27.76
C ASN D 64 -5.03 12.21 26.93
C ASN D 64 -5.04 12.23 26.92
N PHE D 65 -5.16 11.53 25.79
CA PHE D 65 -4.00 11.29 24.93
C PHE D 65 -3.62 12.61 24.31
N THR D 66 -2.33 12.85 24.10
CA THR D 66 -1.89 14.10 23.50
C THR D 66 -1.29 13.87 22.12
N HIS D 67 -1.15 12.60 21.74
CA HIS D 67 -0.58 12.20 20.47
C HIS D 67 -1.73 11.76 19.57
N GLU D 68 -1.86 12.42 18.43
CA GLU D 68 -2.96 12.16 17.50
C GLU D 68 -2.96 10.74 16.93
N GLN D 69 -1.79 10.22 16.58
CA GLN D 69 -1.71 8.86 16.09
C GLN D 69 -2.42 7.95 17.10
N ARG D 70 -2.07 8.10 18.37
CA ARG D 70 -2.69 7.26 19.40
C ARG D 70 -4.20 7.48 19.48
N LYS D 71 -4.64 8.73 19.45
CA LYS D 71 -6.07 9.05 19.49
C LYS D 71 -6.83 8.30 18.43
N ILE D 72 -6.31 8.33 17.21
CA ILE D 72 -6.95 7.69 16.05
C ILE D 72 -7.02 6.18 16.15
N GLU D 73 -5.93 5.55 16.60
CA GLU D 73 -5.91 4.10 16.76
C GLU D 73 -7.00 3.68 17.76
N PHE D 74 -6.96 4.32 18.93
CA PHE D 74 -7.92 4.05 19.97
C PHE D 74 -9.33 4.12 19.40
N LEU D 75 -9.61 5.21 18.71
CA LEU D 75 -10.92 5.40 18.10
C LEU D 75 -11.21 4.33 17.07
N ALA D 76 -10.16 3.96 16.31
CA ALA D 76 -10.27 2.92 15.29
C ALA D 76 -10.51 1.58 15.93
N GLY D 77 -9.77 1.31 17.00
CA GLY D 77 -9.90 0.04 17.70
C GLY D 77 -11.27 -0.14 18.35
N ARG D 78 -11.89 0.95 18.79
CA ARG D 78 -13.19 0.86 19.42
C ARG D 78 -14.28 0.66 18.39
N PHE D 79 -14.13 1.27 17.22
CA PHE D 79 -15.10 1.09 16.15
C PHE D 79 -15.08 -0.37 15.71
N ALA D 80 -13.87 -0.93 15.61
CA ALA D 80 -13.70 -2.31 15.20
C ALA D 80 -14.36 -3.27 16.20
N THR D 81 -14.02 -3.10 17.47
CA THR D 81 -14.56 -3.94 18.54
C THR D 81 -16.07 -3.93 18.59
N LYS D 82 -16.66 -2.75 18.51
CA LYS D 82 -18.10 -2.62 18.58
C LYS D 82 -18.76 -3.25 17.36
N GLU D 83 -18.09 -3.18 16.22
CA GLU D 83 -18.60 -3.84 15.00
C GLU D 83 -18.45 -5.37 15.18
N ALA D 84 -17.35 -5.82 15.76
CA ALA D 84 -17.16 -7.25 15.96
C ALA D 84 -18.19 -7.76 16.98
N PHE D 85 -18.46 -6.94 17.99
CA PHE D 85 -19.43 -7.26 19.02
C PHE D 85 -20.84 -7.45 18.46
N SER D 86 -21.24 -6.56 17.56
CA SER D 86 -22.55 -6.63 16.95
C SER D 86 -22.66 -7.90 16.12
N LYS D 87 -21.59 -8.24 15.42
CA LYS D 87 -21.54 -9.44 14.61
C LYS D 87 -21.69 -10.67 15.50
N ALA D 88 -20.89 -10.72 16.56
CA ALA D 88 -20.96 -11.83 17.49
C ALA D 88 -22.36 -11.91 18.10
N LEU D 89 -22.92 -10.75 18.40
CA LEU D 89 -24.23 -10.66 18.99
C LEU D 89 -25.29 -11.12 17.99
N GLY D 90 -25.10 -10.77 16.72
CA GLY D 90 -26.02 -11.16 15.65
C GLY D 90 -27.47 -10.89 16.00
N VAL D 97 -28.34 -1.75 21.51
CA VAL D 97 -26.93 -2.02 21.22
C VAL D 97 -26.31 -0.81 20.49
N ALA D 98 -26.54 0.39 21.02
CA ALA D 98 -25.97 1.60 20.42
C ALA D 98 -24.48 1.71 20.74
N PHE D 99 -23.69 2.02 19.73
CA PHE D 99 -22.24 2.16 19.89
C PHE D 99 -21.79 2.98 21.10
N ASN D 100 -22.40 4.15 21.34
CA ASN D 100 -21.99 4.96 22.49
C ASN D 100 -22.55 4.48 23.84
N ASP D 101 -23.28 3.36 23.82
CA ASP D 101 -23.79 2.75 25.04
C ASP D 101 -23.00 1.44 25.33
N ILE D 102 -22.12 1.05 24.40
CA ILE D 102 -21.28 -0.16 24.55
C ILE D 102 -19.90 0.25 25.06
N ASP D 103 -19.66 0.06 26.35
CA ASP D 103 -18.38 0.45 26.94
C ASP D 103 -17.35 -0.69 26.95
N CYS D 104 -16.29 -0.54 26.14
CA CYS D 104 -15.20 -1.52 26.08
C CYS D 104 -14.10 -1.07 27.00
N TYR D 105 -13.84 -1.85 28.04
CA TYR D 105 -12.83 -1.53 29.05
C TYR D 105 -11.87 -2.68 29.30
N ASN D 106 -10.71 -2.40 29.89
CA ASN D 106 -9.72 -3.43 30.21
C ASN D 106 -9.99 -4.01 31.61
N ASP D 107 -10.01 -5.34 31.70
CA ASP D 107 -10.29 -6.04 32.96
C ASP D 107 -9.07 -6.12 33.89
N GLU D 108 -9.20 -6.93 34.94
CA GLU D 108 -8.13 -7.13 35.94
C GLU D 108 -6.75 -7.34 35.30
N LEU D 109 -6.69 -8.26 34.34
CA LEU D 109 -5.43 -8.62 33.67
C LEU D 109 -5.05 -7.73 32.48
N GLY D 110 -5.81 -6.66 32.25
CA GLY D 110 -5.53 -5.77 31.13
C GLY D 110 -6.21 -6.19 29.83
N LYS D 111 -7.03 -7.24 29.88
CA LYS D 111 -7.71 -7.73 28.68
C LYS D 111 -8.93 -6.89 28.39
N PRO D 112 -9.06 -6.40 27.14
CA PRO D 112 -10.23 -5.62 26.78
C PRO D 112 -11.49 -6.42 27.06
N LYS D 113 -12.58 -5.73 27.43
CA LYS D 113 -13.80 -6.42 27.76
C LYS D 113 -15.07 -5.55 27.63
N ILE D 114 -16.21 -6.23 27.50
N ILE D 114 -16.20 -6.24 27.48
CA ILE D 114 -17.49 -5.56 27.39
CA ILE D 114 -17.51 -5.61 27.36
C ILE D 114 -18.50 -6.34 28.21
C ILE D 114 -18.49 -6.36 28.23
N ASP D 115 -19.36 -5.64 28.93
CA ASP D 115 -20.38 -6.27 29.77
C ASP D 115 -21.71 -6.36 29.05
N TYR D 116 -22.34 -7.52 29.14
CA TYR D 116 -23.63 -7.74 28.51
C TYR D 116 -24.21 -8.96 29.23
N GLU D 117 -25.31 -8.76 29.98
CA GLU D 117 -25.92 -9.84 30.75
C GLU D 117 -26.18 -11.08 29.91
N GLY D 118 -25.84 -12.24 30.46
CA GLY D 118 -26.06 -13.50 29.76
C GLY D 118 -24.81 -14.04 29.08
N PHE D 119 -23.81 -13.18 28.93
CA PHE D 119 -22.58 -13.60 28.30
C PHE D 119 -21.34 -13.19 29.09
N ILE D 120 -20.22 -13.74 28.64
CA ILE D 120 -18.92 -13.40 29.15
C ILE D 120 -18.31 -12.95 27.83
N VAL D 121 -17.95 -11.68 27.71
CA VAL D 121 -17.41 -11.20 26.46
C VAL D 121 -15.90 -11.12 26.44
N HIS D 122 -15.29 -11.91 25.58
CA HIS D 122 -13.85 -11.88 25.44
C HIS D 122 -13.54 -11.01 24.22
N VAL D 123 -12.56 -10.14 24.37
CA VAL D 123 -12.17 -9.23 23.32
C VAL D 123 -10.66 -9.10 23.26
N SER D 124 -10.15 -8.88 22.05
CA SER D 124 -8.74 -8.64 21.79
C SER D 124 -8.62 -7.64 20.64
N ILE D 125 -7.74 -6.65 20.82
CA ILE D 125 -7.50 -5.61 19.82
C ILE D 125 -6.04 -5.60 19.37
N SER D 126 -5.80 -5.31 18.09
CA SER D 126 -4.45 -5.26 17.53
C SER D 126 -4.33 -4.09 16.54
N HIS D 127 -3.23 -3.34 16.62
CA HIS D 127 -3.04 -2.17 15.74
C HIS D 127 -1.78 -2.24 14.94
N THR D 128 -1.84 -1.72 13.71
CA THR D 128 -0.68 -1.61 12.86
C THR D 128 -0.75 -0.15 12.43
N GLU D 129 0.26 0.33 11.76
CA GLU D 129 0.24 1.70 11.33
C GLU D 129 -1.01 1.99 10.47
N HIS D 130 -1.34 1.05 9.59
CA HIS D 130 -2.46 1.25 8.67
C HIS D 130 -3.78 0.54 9.02
N TYR D 131 -3.73 -0.44 9.90
CA TYR D 131 -4.95 -1.17 10.23
C TYR D 131 -5.16 -1.38 11.71
N ALA D 132 -6.44 -1.58 12.05
CA ALA D 132 -6.89 -1.87 13.40
C ALA D 132 -7.87 -3.03 13.30
N MET D 133 -7.77 -3.99 14.20
CA MET D 133 -8.71 -5.10 14.17
C MET D 133 -9.11 -5.49 15.57
N SER D 134 -10.24 -6.18 15.65
CA SER D 134 -10.73 -6.65 16.91
C SER D 134 -11.47 -7.94 16.71
N GLN D 135 -11.36 -8.81 17.69
CA GLN D 135 -12.08 -10.05 17.62
C GLN D 135 -12.83 -10.15 18.92
N VAL D 136 -14.04 -10.66 18.85
CA VAL D 136 -14.88 -10.83 20.02
C VAL D 136 -15.42 -12.24 20.03
N VAL D 137 -15.49 -12.84 21.21
CA VAL D 137 -16.04 -14.18 21.36
C VAL D 137 -17.05 -14.11 22.50
N LEU D 138 -18.32 -14.42 22.20
CA LEU D 138 -19.35 -14.38 23.23
C LEU D 138 -19.61 -15.76 23.79
N GLU D 139 -19.16 -15.96 25.02
CA GLU D 139 -19.35 -17.21 25.73
C GLU D 139 -20.63 -17.07 26.52
N LYS D 140 -21.34 -18.18 26.73
CA LYS D 140 -22.56 -18.16 27.52
C LYS D 140 -22.21 -18.38 28.97
N SER D 141 -22.86 -17.64 29.86
CA SER D 141 -22.62 -17.75 31.30
C SER D 141 -22.91 -19.16 31.82
N ALA E 24 -16.73 -19.32 33.76
CA ALA E 24 -16.12 -19.13 32.41
C ALA E 24 -15.21 -20.31 32.03
N MET E 25 -15.35 -20.78 30.78
CA MET E 25 -14.53 -21.88 30.26
C MET E 25 -13.30 -21.30 29.56
N ILE E 26 -13.46 -20.12 28.97
CA ILE E 26 -12.36 -19.44 28.29
C ILE E 26 -11.70 -18.44 29.22
N HIS E 27 -10.38 -18.47 29.30
CA HIS E 27 -9.65 -17.51 30.12
C HIS E 27 -9.50 -16.21 29.35
N GLY E 28 -9.18 -16.30 28.07
CA GLY E 28 -9.04 -15.11 27.22
C GLY E 28 -8.72 -15.44 25.78
N ILE E 29 -8.79 -14.42 24.92
CA ILE E 29 -8.48 -14.57 23.50
C ILE E 29 -7.47 -13.52 23.12
N GLY E 30 -6.74 -13.75 22.02
CA GLY E 30 -5.76 -12.80 21.58
C GLY E 30 -5.52 -12.79 20.09
N VAL E 31 -5.39 -11.60 19.52
CA VAL E 31 -5.13 -11.47 18.10
C VAL E 31 -4.01 -10.46 17.93
N ASP E 32 -3.22 -10.62 16.87
CA ASP E 32 -2.11 -9.69 16.62
C ASP E 32 -1.85 -9.62 15.12
N LEU E 33 -1.61 -8.40 14.63
CA LEU E 33 -1.31 -8.18 13.22
C LEU E 33 0.04 -7.47 13.17
N ILE E 34 0.94 -7.94 12.31
CA ILE E 34 2.26 -7.32 12.23
C ILE E 34 2.74 -7.25 10.79
N GLU E 35 3.37 -6.13 10.44
N GLU E 35 3.35 -6.13 10.42
CA GLU E 35 3.90 -5.92 9.11
CA GLU E 35 3.86 -5.96 9.06
C GLU E 35 5.10 -6.84 8.88
C GLU E 35 5.08 -6.83 8.87
N ILE E 36 5.08 -7.66 7.83
CA ILE E 36 6.20 -8.55 7.52
C ILE E 36 7.49 -7.77 7.32
N ASP E 37 7.40 -6.63 6.65
CA ASP E 37 8.57 -5.78 6.38
C ASP E 37 9.27 -5.25 7.63
N ARG E 38 8.50 -4.99 8.69
CA ARG E 38 9.09 -4.48 9.92
C ARG E 38 9.91 -5.56 10.61
N ILE E 39 9.40 -6.79 10.54
CA ILE E 39 10.09 -7.95 11.10
C ILE E 39 11.37 -8.20 10.30
N GLN E 40 11.25 -8.21 8.98
CA GLN E 40 12.38 -8.43 8.08
C GLN E 40 13.49 -7.40 8.27
N ALA E 41 13.11 -6.15 8.50
CA ALA E 41 14.07 -5.07 8.67
C ALA E 41 14.88 -5.21 9.94
N LEU E 42 14.21 -5.47 11.04
CA LEU E 42 14.89 -5.60 12.31
C LEU E 42 15.80 -6.83 12.25
N TYR E 43 15.30 -7.91 11.68
CA TYR E 43 16.12 -9.11 11.55
C TYR E 43 17.43 -8.86 10.80
N SER E 44 17.47 -7.84 9.96
CA SER E 44 18.67 -7.50 9.23
C SER E 44 19.68 -6.71 10.08
N LYS E 45 19.18 -5.90 11.01
CA LYS E 45 20.05 -5.14 11.91
C LYS E 45 20.53 -6.02 13.04
N GLN E 46 19.57 -6.74 13.63
CA GLN E 46 19.83 -7.61 14.77
C GLN E 46 19.50 -9.05 14.47
N PRO E 47 20.42 -9.77 13.81
CA PRO E 47 20.14 -11.19 13.56
C PRO E 47 19.80 -11.91 14.88
N LYS E 48 20.26 -11.33 15.99
N LYS E 48 20.25 -11.37 16.01
CA LYS E 48 20.00 -11.86 17.33
CA LYS E 48 19.98 -12.00 17.31
C LYS E 48 18.51 -11.86 17.69
C LYS E 48 18.48 -11.93 17.67
N LEU E 49 17.68 -11.26 16.84
CA LEU E 49 16.25 -11.20 17.05
C LEU E 49 15.71 -12.62 17.14
N VAL E 50 16.34 -13.50 16.36
CA VAL E 50 15.97 -14.92 16.29
C VAL E 50 16.03 -15.63 17.66
N GLU E 51 17.13 -15.46 18.39
CA GLU E 51 17.27 -16.11 19.71
C GLU E 51 16.46 -15.41 20.80
N ARG E 52 15.95 -14.23 20.48
CA ARG E 52 15.16 -13.46 21.42
C ARG E 52 13.68 -13.78 21.30
N ILE E 53 13.25 -14.12 20.09
CA ILE E 53 11.85 -14.39 19.81
C ILE E 53 11.51 -15.87 19.66
N LEU E 54 12.49 -16.68 19.29
CA LEU E 54 12.27 -18.10 19.08
C LEU E 54 13.01 -18.97 20.08
N THR E 55 12.37 -20.05 20.50
CA THR E 55 12.98 -21.00 21.40
C THR E 55 13.91 -21.82 20.53
N LYS E 56 14.64 -22.76 21.14
CA LYS E 56 15.57 -23.57 20.36
C LYS E 56 14.89 -24.46 19.31
N ASN E 57 13.75 -25.03 19.66
CA ASN E 57 13.02 -25.85 18.69
C ASN E 57 12.68 -25.00 17.48
N GLU E 58 12.04 -23.86 17.72
CA GLU E 58 11.67 -22.94 16.65
C GLU E 58 12.88 -22.44 15.85
N GLN E 59 14.02 -22.30 16.53
CA GLN E 59 15.23 -21.86 15.83
C GLN E 59 15.63 -22.89 14.78
N HIS E 60 15.60 -24.17 15.15
CA HIS E 60 15.94 -25.27 14.22
C HIS E 60 15.04 -25.21 12.99
N LYS E 61 13.75 -25.01 13.22
CA LYS E 61 12.78 -24.91 12.13
C LYS E 61 13.19 -23.75 11.24
N PHE E 62 13.41 -22.59 11.87
CA PHE E 62 13.80 -21.38 11.18
C PHE E 62 15.03 -21.64 10.29
N ASN E 63 16.03 -22.30 10.86
CA ASN E 63 17.27 -22.62 10.16
C ASN E 63 17.16 -23.69 9.08
N ASN E 64 16.07 -24.46 9.07
CA ASN E 64 15.88 -25.49 8.06
C ASN E 64 15.35 -24.92 6.73
N PHE E 65 14.80 -23.71 6.75
CA PHE E 65 14.28 -23.10 5.51
C PHE E 65 15.40 -22.51 4.68
N THR E 66 15.20 -22.52 3.36
CA THR E 66 16.18 -21.99 2.44
C THR E 66 15.62 -20.80 1.66
N HIS E 67 14.33 -20.54 1.82
CA HIS E 67 13.68 -19.45 1.14
C HIS E 67 13.45 -18.35 2.18
N GLU E 68 14.28 -17.31 2.11
CA GLU E 68 14.24 -16.21 3.09
C GLU E 68 12.85 -15.63 3.35
N GLN E 69 12.00 -15.53 2.33
CA GLN E 69 10.65 -15.02 2.55
C GLN E 69 9.90 -15.94 3.52
N ARG E 70 10.15 -17.25 3.41
CA ARG E 70 9.52 -18.22 4.28
C ARG E 70 10.07 -18.06 5.70
N LYS E 71 11.39 -17.90 5.82
CA LYS E 71 12.01 -17.68 7.13
C LYS E 71 11.38 -16.49 7.84
N ILE E 72 11.44 -15.33 7.19
CA ILE E 72 10.90 -14.08 7.74
C ILE E 72 9.43 -14.23 8.09
N GLU E 73 8.71 -14.91 7.22
CA GLU E 73 7.29 -15.14 7.41
C GLU E 73 7.11 -15.99 8.67
N PHE E 74 7.86 -17.07 8.77
CA PHE E 74 7.80 -17.96 9.92
C PHE E 74 8.04 -17.17 11.19
N LEU E 75 9.13 -16.40 11.21
CA LEU E 75 9.49 -15.57 12.35
C LEU E 75 8.38 -14.55 12.63
N ALA E 76 7.77 -14.06 11.57
CA ALA E 76 6.70 -13.08 11.67
C ALA E 76 5.49 -13.65 12.39
N GLY E 77 5.12 -14.88 12.03
CA GLY E 77 3.96 -15.56 12.61
C GLY E 77 4.19 -15.96 14.05
N ARG E 78 5.44 -16.23 14.40
CA ARG E 78 5.74 -16.58 15.77
C ARG E 78 5.68 -15.33 16.66
N PHE E 79 6.14 -14.21 16.12
CA PHE E 79 6.11 -12.99 16.87
C PHE E 79 4.64 -12.65 17.16
N ALA E 80 3.82 -12.65 16.12
CA ALA E 80 2.40 -12.38 16.24
C ALA E 80 1.74 -13.40 17.16
N THR E 81 2.18 -14.64 17.09
CA THR E 81 1.62 -15.68 17.92
C THR E 81 1.90 -15.34 19.38
N LYS E 82 3.17 -15.17 19.71
CA LYS E 82 3.59 -14.86 21.10
C LYS E 82 2.91 -13.62 21.68
N GLU E 83 2.77 -12.55 20.90
CA GLU E 83 2.08 -11.34 21.38
C GLU E 83 0.58 -11.68 21.55
N ALA E 84 0.04 -12.44 20.60
CA ALA E 84 -1.37 -12.84 20.68
C ALA E 84 -1.59 -13.64 21.97
N PHE E 85 -0.61 -14.47 22.29
CA PHE E 85 -0.67 -15.28 23.48
C PHE E 85 -0.61 -14.44 24.77
N SER E 86 0.24 -13.42 24.76
CA SER E 86 0.37 -12.54 25.91
C SER E 86 -0.95 -11.82 26.22
N LYS E 87 -1.63 -11.37 25.16
CA LYS E 87 -2.91 -10.68 25.33
C LYS E 87 -3.98 -11.64 25.83
N ALA E 88 -3.97 -12.87 25.34
CA ALA E 88 -4.97 -13.87 25.75
C ALA E 88 -4.75 -14.21 27.22
N LEU E 89 -3.50 -14.20 27.65
CA LEU E 89 -3.14 -14.49 29.03
C LEU E 89 -3.44 -13.28 29.89
N GLY E 90 -3.00 -12.12 29.43
CA GLY E 90 -3.20 -10.86 30.13
C GLY E 90 -1.93 -10.39 30.84
N THR E 91 -1.37 -9.27 30.40
CA THR E 91 -0.17 -8.74 31.02
C THR E 91 -0.50 -8.13 32.38
N VAL E 97 5.95 -13.31 30.63
CA VAL E 97 6.33 -14.49 29.87
C VAL E 97 7.26 -14.12 28.71
N ALA E 98 8.49 -14.61 28.78
CA ALA E 98 9.49 -14.34 27.76
C ALA E 98 9.13 -14.99 26.43
N PHE E 99 9.32 -14.28 25.33
CA PHE E 99 9.01 -14.83 24.01
C PHE E 99 9.66 -16.21 23.86
N ASN E 100 10.96 -16.27 24.11
CA ASN E 100 11.73 -17.52 23.94
C ASN E 100 11.50 -18.65 24.97
N ASP E 101 10.45 -18.53 25.76
CA ASP E 101 10.06 -19.58 26.70
C ASP E 101 8.70 -20.12 26.27
N ILE E 102 8.15 -19.54 25.21
CA ILE E 102 6.86 -19.94 24.65
C ILE E 102 7.14 -20.71 23.36
N ASP E 103 7.05 -22.02 23.43
CA ASP E 103 7.32 -22.86 22.28
C ASP E 103 6.03 -23.16 21.54
N CYS E 104 5.91 -22.60 20.35
CA CYS E 104 4.75 -22.84 19.52
C CYS E 104 5.21 -23.90 18.53
N TYR E 105 4.51 -25.03 18.51
CA TYR E 105 4.85 -26.15 17.63
C TYR E 105 3.60 -26.65 16.93
N ASN E 106 3.76 -27.65 16.07
CA ASN E 106 2.61 -28.22 15.37
C ASN E 106 2.17 -29.56 15.98
N ASP E 107 0.88 -29.70 16.29
CA ASP E 107 0.37 -30.95 16.87
C ASP E 107 0.07 -31.94 15.77
N GLU E 108 -0.39 -33.15 16.15
CA GLU E 108 -0.71 -34.22 15.19
C GLU E 108 -1.57 -33.77 14.01
N LEU E 109 -2.56 -32.92 14.27
CA LEU E 109 -3.46 -32.47 13.22
C LEU E 109 -2.86 -31.35 12.36
N GLY E 110 -1.63 -30.94 12.65
CA GLY E 110 -0.96 -29.89 11.88
C GLY E 110 -1.23 -28.47 12.38
N LYS E 111 -2.11 -28.36 13.37
N LYS E 111 -2.10 -28.35 13.37
CA LYS E 111 -2.46 -27.07 13.96
CA LYS E 111 -2.43 -27.05 13.92
C LYS E 111 -1.42 -26.60 14.96
C LYS E 111 -1.33 -26.61 14.88
N PRO E 112 -0.99 -25.31 14.86
CA PRO E 112 0.03 -24.79 15.77
C PRO E 112 -0.51 -24.85 17.18
N LYS E 113 0.36 -25.01 18.17
CA LYS E 113 -0.09 -25.14 19.55
C LYS E 113 0.98 -24.77 20.59
N ILE E 114 0.52 -24.40 21.79
CA ILE E 114 1.39 -24.03 22.88
C ILE E 114 0.96 -24.79 24.13
N ASP E 115 1.93 -25.23 24.93
CA ASP E 115 1.64 -25.93 26.19
C ASP E 115 1.85 -24.94 27.31
N TYR E 116 0.84 -24.76 28.16
CA TYR E 116 0.96 -23.81 29.26
C TYR E 116 0.03 -24.20 30.39
N GLU E 117 0.61 -24.31 31.57
CA GLU E 117 -0.09 -24.70 32.80
C GLU E 117 -1.53 -24.26 32.95
N GLY E 118 -2.42 -25.24 33.08
CA GLY E 118 -3.83 -24.96 33.30
C GLY E 118 -4.67 -24.47 32.14
N PHE E 119 -4.13 -24.53 30.92
CA PHE E 119 -4.86 -24.09 29.76
C PHE E 119 -4.68 -25.01 28.57
N ILE E 120 -5.68 -25.04 27.70
CA ILE E 120 -5.59 -25.75 26.46
C ILE E 120 -5.46 -24.54 25.55
N VAL E 121 -4.31 -24.38 24.91
CA VAL E 121 -4.09 -23.20 24.10
C VAL E 121 -4.33 -23.46 22.62
N HIS E 122 -5.38 -22.85 22.07
CA HIS E 122 -5.69 -23.00 20.66
C HIS E 122 -5.07 -21.83 19.92
N VAL E 123 -4.49 -22.10 18.76
CA VAL E 123 -3.84 -21.08 17.94
C VAL E 123 -4.07 -21.27 16.45
N SER E 124 -4.00 -20.19 15.70
CA SER E 124 -4.11 -20.26 14.25
C SER E 124 -3.34 -19.06 13.70
N ILE E 125 -2.54 -19.33 12.68
CA ILE E 125 -1.68 -18.32 12.06
C ILE E 125 -2.07 -18.11 10.60
N SER E 126 -1.83 -16.91 10.09
CA SER E 126 -2.15 -16.58 8.71
C SER E 126 -1.18 -15.54 8.17
N HIS E 127 -0.68 -15.76 6.96
CA HIS E 127 0.26 -14.85 6.34
C HIS E 127 -0.30 -14.31 5.02
N THR E 128 0.32 -13.23 4.56
CA THR E 128 0.03 -12.64 3.27
C THR E 128 1.38 -12.04 2.92
N GLU E 129 1.58 -11.62 1.69
CA GLU E 129 2.86 -11.07 1.29
C GLU E 129 3.41 -10.01 2.26
N HIS E 130 2.52 -9.18 2.82
CA HIS E 130 2.97 -8.10 3.69
C HIS E 130 2.49 -8.18 5.14
N TYR E 131 1.50 -9.01 5.42
CA TYR E 131 0.99 -9.12 6.76
C TYR E 131 0.95 -10.52 7.31
N ALA E 132 1.27 -10.61 8.60
CA ALA E 132 1.21 -11.87 9.35
C ALA E 132 0.25 -11.62 10.51
N MET E 133 -0.55 -12.62 10.85
CA MET E 133 -1.48 -12.48 11.98
C MET E 133 -1.69 -13.81 12.68
N SER E 134 -2.13 -13.74 13.93
CA SER E 134 -2.36 -14.92 14.73
C SER E 134 -3.42 -14.69 15.79
N GLN E 135 -4.22 -15.72 16.04
CA GLN E 135 -5.24 -15.64 17.07
C GLN E 135 -4.99 -16.75 18.06
N VAL E 136 -5.23 -16.44 19.32
CA VAL E 136 -5.04 -17.39 20.39
C VAL E 136 -6.27 -17.41 21.29
N VAL E 137 -6.73 -18.60 21.61
CA VAL E 137 -7.85 -18.78 22.51
C VAL E 137 -7.38 -19.67 23.62
N LEU E 138 -7.39 -19.15 24.85
CA LEU E 138 -6.99 -19.93 26.02
C LEU E 138 -8.22 -20.48 26.69
N GLU E 139 -8.31 -21.81 26.71
CA GLU E 139 -9.41 -22.52 27.33
C GLU E 139 -8.88 -22.99 28.68
N LYS E 140 -9.72 -22.99 29.71
CA LYS E 140 -9.31 -23.41 31.05
C LYS E 140 -9.33 -24.93 31.17
N SER E 141 -8.23 -25.51 31.60
CA SER E 141 -8.13 -26.95 31.76
C SER E 141 -8.18 -27.34 33.24
N ASN F 23 -11.52 -33.45 26.83
CA ASN F 23 -11.34 -32.41 27.88
C ASN F 23 -11.62 -31.01 27.35
N ALA F 24 -11.17 -30.74 26.13
CA ALA F 24 -11.38 -29.45 25.49
C ALA F 24 -12.75 -29.41 24.83
N MET F 25 -13.45 -28.29 24.99
CA MET F 25 -14.77 -28.12 24.41
C MET F 25 -14.66 -27.48 23.03
N ILE F 26 -13.49 -26.89 22.76
CA ILE F 26 -13.22 -26.30 21.46
C ILE F 26 -12.27 -27.24 20.72
N HIS F 27 -12.69 -27.69 19.55
CA HIS F 27 -11.86 -28.59 18.75
C HIS F 27 -10.63 -27.86 18.24
N GLY F 28 -10.83 -26.68 17.71
CA GLY F 28 -9.74 -25.87 17.19
C GLY F 28 -10.29 -24.57 16.65
N ILE F 29 -9.40 -23.71 16.21
CA ILE F 29 -9.79 -22.43 15.66
C ILE F 29 -8.93 -22.17 14.45
N GLY F 30 -9.40 -21.30 13.57
CA GLY F 30 -8.66 -20.96 12.39
C GLY F 30 -8.93 -19.53 12.00
N VAL F 31 -7.94 -18.91 11.38
CA VAL F 31 -8.09 -17.56 10.89
C VAL F 31 -7.38 -17.49 9.56
N ASP F 32 -7.91 -16.73 8.63
CA ASP F 32 -7.25 -16.57 7.33
C ASP F 32 -7.43 -15.16 6.84
N LEU F 33 -6.37 -14.62 6.25
CA LEU F 33 -6.38 -13.28 5.72
C LEU F 33 -5.85 -13.39 4.30
N ILE F 34 -6.56 -12.79 3.35
CA ILE F 34 -6.18 -12.84 1.95
C ILE F 34 -6.30 -11.46 1.27
N GLU F 35 -5.50 -11.23 0.21
CA GLU F 35 -5.57 -9.97 -0.54
C GLU F 35 -6.66 -10.06 -1.59
N ILE F 36 -7.59 -9.11 -1.57
CA ILE F 36 -8.71 -9.11 -2.52
C ILE F 36 -8.28 -9.00 -3.99
N ASP F 37 -7.20 -8.27 -4.26
N ASP F 37 -7.21 -8.27 -4.27
CA ASP F 37 -6.72 -8.09 -5.63
CA ASP F 37 -6.71 -8.11 -5.64
C ASP F 37 -6.18 -9.40 -6.23
C ASP F 37 -6.21 -9.41 -6.23
N ARG F 38 -5.78 -10.34 -5.37
CA ARG F 38 -5.27 -11.64 -5.84
C ARG F 38 -6.46 -12.50 -6.25
N ILE F 39 -7.55 -12.41 -5.49
CA ILE F 39 -8.76 -13.15 -5.83
C ILE F 39 -9.33 -12.60 -7.14
N GLN F 40 -9.26 -11.29 -7.30
CA GLN F 40 -9.76 -10.65 -8.51
C GLN F 40 -8.90 -11.04 -9.71
N ALA F 41 -7.59 -10.98 -9.55
CA ALA F 41 -6.67 -11.34 -10.62
C ALA F 41 -6.93 -12.75 -11.12
N LEU F 42 -7.01 -13.71 -10.20
CA LEU F 42 -7.24 -15.10 -10.58
C LEU F 42 -8.64 -15.31 -11.18
N TYR F 43 -9.64 -14.62 -10.64
CA TYR F 43 -11.00 -14.73 -11.14
C TYR F 43 -11.07 -14.22 -12.57
N SER F 44 -10.32 -13.17 -12.85
CA SER F 44 -10.29 -12.57 -14.16
C SER F 44 -9.77 -13.54 -15.23
N LYS F 45 -8.62 -14.15 -14.96
CA LYS F 45 -8.00 -15.08 -15.90
C LYS F 45 -8.62 -16.47 -15.90
N GLN F 46 -9.38 -16.82 -14.86
CA GLN F 46 -9.98 -18.14 -14.79
C GLN F 46 -11.33 -18.08 -14.07
N PRO F 47 -12.40 -17.74 -14.82
CA PRO F 47 -13.73 -17.63 -14.22
C PRO F 47 -14.25 -18.88 -13.51
N LYS F 48 -13.84 -20.07 -13.94
CA LYS F 48 -14.32 -21.30 -13.30
C LYS F 48 -13.86 -21.44 -11.83
N LEU F 49 -13.17 -20.43 -11.32
CA LEU F 49 -12.73 -20.40 -9.94
C LEU F 49 -13.95 -20.42 -9.03
N VAL F 50 -15.03 -19.79 -9.51
CA VAL F 50 -16.26 -19.72 -8.74
C VAL F 50 -16.82 -21.12 -8.50
N GLU F 51 -16.77 -21.97 -9.52
CA GLU F 51 -17.27 -23.34 -9.40
C GLU F 51 -16.35 -24.23 -8.55
N ARG F 52 -15.12 -23.80 -8.37
CA ARG F 52 -14.18 -24.57 -7.61
C ARG F 52 -14.17 -24.17 -6.13
N ILE F 53 -14.47 -22.91 -5.85
CA ILE F 53 -14.46 -22.40 -4.48
C ILE F 53 -15.82 -22.40 -3.78
N LEU F 54 -16.87 -22.04 -4.52
CA LEU F 54 -18.20 -21.92 -3.96
C LEU F 54 -19.12 -23.11 -4.19
N THR F 55 -19.98 -23.38 -3.21
CA THR F 55 -20.99 -24.43 -3.31
C THR F 55 -22.06 -23.88 -4.24
N LYS F 56 -22.97 -24.72 -4.72
CA LYS F 56 -24.02 -24.21 -5.61
C LYS F 56 -24.94 -23.19 -4.90
N ASN F 57 -25.03 -23.29 -3.59
CA ASN F 57 -25.83 -22.37 -2.81
C ASN F 57 -25.16 -21.00 -2.80
N GLU F 58 -23.86 -21.00 -2.57
CA GLU F 58 -23.09 -19.76 -2.55
C GLU F 58 -23.02 -19.09 -3.91
N GLN F 59 -22.98 -19.88 -4.97
CA GLN F 59 -22.94 -19.30 -6.31
C GLN F 59 -24.16 -18.41 -6.56
N HIS F 60 -25.34 -18.82 -6.06
CA HIS F 60 -26.52 -17.99 -6.26
C HIS F 60 -26.29 -16.58 -5.74
N LYS F 61 -25.64 -16.46 -4.60
CA LYS F 61 -25.34 -15.15 -4.03
C LYS F 61 -24.33 -14.44 -4.90
N PHE F 62 -23.24 -15.13 -5.26
CA PHE F 62 -22.22 -14.53 -6.12
C PHE F 62 -22.78 -14.09 -7.46
N ASN F 63 -23.71 -14.88 -8.00
CA ASN F 63 -24.31 -14.56 -9.30
C ASN F 63 -25.40 -13.51 -9.25
N ASN F 64 -25.90 -13.21 -8.06
CA ASN F 64 -26.98 -12.22 -7.92
C ASN F 64 -26.51 -10.78 -7.70
N PHE F 65 -25.24 -10.59 -7.34
CA PHE F 65 -24.69 -9.25 -7.16
C PHE F 65 -24.36 -8.67 -8.53
N THR F 66 -24.83 -7.46 -8.81
CA THR F 66 -24.54 -6.85 -10.11
C THR F 66 -23.37 -5.87 -10.01
N HIS F 67 -22.83 -5.71 -8.81
CA HIS F 67 -21.70 -4.81 -8.59
C HIS F 67 -20.45 -5.70 -8.47
N GLU F 68 -19.57 -5.60 -9.47
CA GLU F 68 -18.36 -6.44 -9.53
C GLU F 68 -17.45 -6.38 -8.30
N GLN F 69 -17.36 -5.22 -7.65
CA GLN F 69 -16.50 -5.13 -6.48
C GLN F 69 -17.08 -5.98 -5.36
N ARG F 70 -18.40 -6.10 -5.31
CA ARG F 70 -19.04 -6.87 -4.27
C ARG F 70 -18.86 -8.37 -4.54
N LYS F 71 -18.97 -8.78 -5.80
CA LYS F 71 -18.79 -10.19 -6.22
C LYS F 71 -17.42 -10.72 -5.80
N ILE F 72 -16.37 -9.95 -6.09
CA ILE F 72 -15.00 -10.32 -5.75
C ILE F 72 -14.78 -10.41 -4.25
N GLU F 73 -15.25 -9.41 -3.53
CA GLU F 73 -15.15 -9.35 -2.08
C GLU F 73 -15.80 -10.58 -1.42
N PHE F 74 -16.98 -10.97 -1.91
CA PHE F 74 -17.71 -12.13 -1.41
C PHE F 74 -16.90 -13.41 -1.64
N LEU F 75 -16.34 -13.52 -2.84
CA LEU F 75 -15.52 -14.66 -3.22
C LEU F 75 -14.30 -14.75 -2.31
N ALA F 76 -13.70 -13.59 -2.05
CA ALA F 76 -12.52 -13.49 -1.20
C ALA F 76 -12.82 -13.96 0.23
N GLY F 77 -13.92 -13.46 0.78
CA GLY F 77 -14.33 -13.79 2.13
C GLY F 77 -14.66 -15.26 2.30
N ARG F 78 -15.27 -15.85 1.26
CA ARG F 78 -15.57 -17.27 1.29
C ARG F 78 -14.30 -18.08 1.21
N PHE F 79 -13.41 -17.70 0.30
CA PHE F 79 -12.14 -18.42 0.17
C PHE F 79 -11.41 -18.36 1.51
N ALA F 80 -11.53 -17.23 2.20
CA ALA F 80 -10.90 -17.08 3.51
C ALA F 80 -11.57 -17.95 4.58
N THR F 81 -12.89 -18.08 4.49
CA THR F 81 -13.65 -18.88 5.46
C THR F 81 -13.32 -20.35 5.31
N LYS F 82 -13.10 -20.77 4.07
CA LYS F 82 -12.81 -22.18 3.79
C LYS F 82 -11.39 -22.57 4.25
N GLU F 83 -10.45 -21.64 4.15
CA GLU F 83 -9.09 -21.89 4.61
C GLU F 83 -9.04 -21.88 6.13
N ALA F 84 -9.70 -20.90 6.74
CA ALA F 84 -9.75 -20.80 8.20
C ALA F 84 -10.48 -22.01 8.78
N PHE F 85 -11.50 -22.48 8.06
CA PHE F 85 -12.25 -23.63 8.51
C PHE F 85 -11.35 -24.85 8.48
N SER F 86 -10.68 -25.04 7.35
CA SER F 86 -9.75 -26.15 7.15
C SER F 86 -8.66 -26.16 8.21
N LYS F 87 -8.21 -24.98 8.61
CA LYS F 87 -7.18 -24.87 9.66
C LYS F 87 -7.78 -25.22 11.03
N ALA F 88 -9.00 -24.76 11.28
CA ALA F 88 -9.68 -25.04 12.54
C ALA F 88 -9.83 -26.55 12.76
N LEU F 89 -10.19 -27.30 11.71
CA LEU F 89 -10.31 -28.74 11.83
C LEU F 89 -8.92 -29.34 11.89
N GLY F 90 -8.04 -28.86 11.02
CA GLY F 90 -6.66 -29.34 10.96
C GLY F 90 -6.36 -29.93 9.59
N THR F 91 -5.08 -30.03 9.27
CA THR F 91 -4.63 -30.61 8.00
C THR F 91 -4.33 -32.09 8.16
N GLY F 92 -5.27 -32.94 7.72
CA GLY F 92 -5.10 -34.39 7.82
C GLY F 92 -3.91 -34.93 7.05
N LYS F 95 -5.65 -31.47 4.62
CA LYS F 95 -6.88 -30.89 4.10
C LYS F 95 -7.61 -31.86 3.18
N HIS F 96 -8.70 -32.45 3.69
CA HIS F 96 -9.48 -33.41 2.92
C HIS F 96 -10.85 -32.85 2.50
N VAL F 97 -11.26 -31.73 3.10
CA VAL F 97 -12.53 -31.12 2.78
C VAL F 97 -12.38 -30.16 1.60
N ALA F 98 -13.16 -30.38 0.54
CA ALA F 98 -13.09 -29.54 -0.65
C ALA F 98 -13.87 -28.24 -0.47
N PHE F 99 -13.36 -27.14 -1.02
CA PHE F 99 -14.04 -25.86 -0.92
C PHE F 99 -15.52 -26.06 -1.28
N ASN F 100 -15.75 -26.63 -2.46
CA ASN F 100 -17.10 -26.90 -2.99
C ASN F 100 -18.07 -27.50 -1.98
N ASP F 101 -17.54 -28.15 -0.95
CA ASP F 101 -18.39 -28.82 0.04
C ASP F 101 -18.65 -28.09 1.34
N ILE F 102 -17.86 -27.05 1.61
CA ILE F 102 -18.03 -26.27 2.83
C ILE F 102 -18.95 -25.10 2.51
N ASP F 103 -20.23 -25.25 2.81
CA ASP F 103 -21.20 -24.18 2.51
C ASP F 103 -21.36 -23.25 3.69
N CYS F 104 -21.04 -21.98 3.45
CA CYS F 104 -21.19 -20.96 4.47
C CYS F 104 -22.42 -20.15 4.11
N TYR F 105 -23.39 -20.10 5.03
CA TYR F 105 -24.65 -19.36 4.83
C TYR F 105 -24.91 -18.46 6.04
N ASN F 106 -25.89 -17.57 5.95
CA ASN F 106 -26.19 -16.67 7.07
C ASN F 106 -27.28 -17.17 8.01
N LYS F 111 -25.75 -13.57 9.90
CA LYS F 111 -24.69 -14.17 10.69
C LYS F 111 -24.23 -15.46 10.00
N PRO F 112 -22.97 -15.51 9.53
CA PRO F 112 -22.46 -16.67 8.80
C PRO F 112 -22.28 -17.94 9.65
N LYS F 113 -22.69 -19.07 9.09
CA LYS F 113 -22.60 -20.38 9.76
C LYS F 113 -22.16 -21.46 8.78
N ILE F 114 -21.73 -22.59 9.33
CA ILE F 114 -21.34 -23.77 8.57
C ILE F 114 -21.80 -25.01 9.31
N ASP F 115 -22.50 -25.89 8.61
CA ASP F 115 -22.98 -27.14 9.20
C ASP F 115 -21.96 -28.23 8.92
N TYR F 116 -21.50 -28.91 9.96
CA TYR F 116 -20.54 -29.99 9.79
C TYR F 116 -20.67 -30.94 10.97
N GLU F 117 -21.42 -32.03 10.75
CA GLU F 117 -21.68 -33.01 11.79
C GLU F 117 -20.46 -33.25 12.68
N GLY F 118 -20.68 -33.13 13.99
CA GLY F 118 -19.64 -33.32 14.98
C GLY F 118 -19.21 -32.01 15.59
N PHE F 119 -19.73 -30.91 15.04
CA PHE F 119 -19.36 -29.61 15.55
C PHE F 119 -20.45 -28.55 15.43
N ILE F 120 -20.27 -27.49 16.20
CA ILE F 120 -21.10 -26.32 16.18
C ILE F 120 -20.09 -25.32 15.70
N VAL F 121 -20.20 -24.91 14.44
CA VAL F 121 -19.23 -24.00 13.87
C VAL F 121 -19.66 -22.55 13.99
N HIS F 122 -18.75 -21.71 14.44
CA HIS F 122 -18.99 -20.27 14.59
C HIS F 122 -18.11 -19.59 13.57
N VAL F 123 -18.64 -18.61 12.85
CA VAL F 123 -17.88 -17.94 11.79
C VAL F 123 -18.08 -16.44 11.78
N SER F 124 -17.08 -15.72 11.28
CA SER F 124 -17.16 -14.28 11.17
C SER F 124 -16.19 -13.80 10.08
N ILE F 125 -16.71 -12.92 9.22
CA ILE F 125 -16.01 -12.37 8.08
C ILE F 125 -15.94 -10.84 8.16
N SER F 126 -14.83 -10.27 7.72
CA SER F 126 -14.69 -8.83 7.69
C SER F 126 -13.96 -8.45 6.41
N HIS F 127 -14.39 -7.37 5.77
CA HIS F 127 -13.78 -6.91 4.53
C HIS F 127 -13.24 -5.50 4.65
N THR F 128 -12.18 -5.22 3.87
CA THR F 128 -11.64 -3.88 3.76
C THR F 128 -11.47 -3.77 2.25
N GLU F 129 -10.91 -2.67 1.78
CA GLU F 129 -10.76 -2.47 0.35
C GLU F 129 -9.80 -3.48 -0.30
N HIS F 130 -8.68 -3.78 0.35
CA HIS F 130 -7.69 -4.70 -0.22
C HIS F 130 -7.57 -6.05 0.48
N TYR F 131 -8.23 -6.21 1.62
CA TYR F 131 -8.15 -7.47 2.35
C TYR F 131 -9.49 -7.99 2.77
N ALA F 132 -9.49 -9.28 3.11
CA ALA F 132 -10.67 -9.98 3.57
C ALA F 132 -10.18 -11.04 4.54
N MET F 133 -10.81 -11.13 5.71
CA MET F 133 -10.38 -12.12 6.67
C MET F 133 -11.56 -12.86 7.25
N SER F 134 -11.32 -14.12 7.60
CA SER F 134 -12.34 -14.94 8.20
C SER F 134 -11.78 -15.61 9.43
N GLN F 135 -12.65 -15.71 10.43
CA GLN F 135 -12.31 -16.33 11.69
C GLN F 135 -13.30 -17.47 11.92
N VAL F 136 -12.78 -18.64 12.28
CA VAL F 136 -13.64 -19.79 12.54
C VAL F 136 -13.29 -20.46 13.85
N VAL F 137 -14.32 -20.80 14.61
CA VAL F 137 -14.15 -21.51 15.85
C VAL F 137 -15.01 -22.75 15.74
N LEU F 138 -14.41 -23.91 16.00
CA LEU F 138 -15.14 -25.18 16.00
C LEU F 138 -15.35 -25.61 17.43
N GLU F 139 -16.58 -25.95 17.75
CA GLU F 139 -16.92 -26.39 19.07
C GLU F 139 -17.39 -27.83 18.94
N LYS F 140 -17.10 -28.66 19.94
CA LYS F 140 -17.49 -30.07 19.91
C LYS F 140 -18.95 -30.30 20.29
N SER F 141 -19.52 -31.39 19.78
CA SER F 141 -20.90 -31.78 20.07
C SER F 141 -20.89 -33.20 20.60
N ALA G 24 -23.62 -8.35 -35.40
CA ALA G 24 -24.26 -7.02 -35.17
C ALA G 24 -24.31 -6.72 -33.67
N MET G 25 -25.48 -6.86 -33.07
CA MET G 25 -25.66 -6.63 -31.62
C MET G 25 -25.42 -7.92 -30.85
N GLU G 26 -24.86 -8.90 -31.53
CA GLU G 26 -24.54 -10.21 -30.97
C GLU G 26 -23.10 -10.26 -30.47
N ASN G 27 -22.23 -9.51 -31.13
CA ASN G 27 -20.82 -9.43 -30.74
C ASN G 27 -20.70 -8.54 -29.51
N PHE G 28 -21.61 -7.59 -29.39
CA PHE G 28 -21.64 -6.64 -28.28
C PHE G 28 -21.63 -7.36 -26.93
N ASP G 29 -22.36 -8.47 -26.84
CA ASP G 29 -22.44 -9.24 -25.61
C ASP G 29 -21.12 -9.93 -25.30
N LYS G 30 -20.45 -10.45 -26.33
CA LYS G 30 -19.17 -11.11 -26.14
C LYS G 30 -18.12 -10.10 -25.73
N VAL G 31 -18.28 -8.86 -26.17
CA VAL G 31 -17.37 -7.77 -25.85
C VAL G 31 -17.63 -7.28 -24.43
N LYS G 32 -18.91 -7.22 -24.05
CA LYS G 32 -19.32 -6.78 -22.72
C LYS G 32 -18.84 -7.75 -21.64
N ASP G 33 -18.92 -9.05 -21.94
CA ASP G 33 -18.50 -10.07 -20.98
C ASP G 33 -17.04 -9.89 -20.57
N ILE G 34 -16.18 -9.61 -21.54
CA ILE G 34 -14.77 -9.41 -21.30
C ILE G 34 -14.57 -8.18 -20.43
N ILE G 35 -15.22 -7.09 -20.83
CA ILE G 35 -15.13 -5.85 -20.07
C ILE G 35 -15.62 -6.09 -18.65
N VAL G 36 -16.71 -6.82 -18.51
CA VAL G 36 -17.27 -7.12 -17.20
C VAL G 36 -16.45 -8.17 -16.45
N ASP G 37 -16.40 -9.39 -16.99
CA ASP G 37 -15.70 -10.50 -16.32
C ASP G 37 -14.17 -10.43 -16.20
N ARG G 38 -13.52 -9.81 -17.19
N ARG G 38 -13.48 -9.81 -17.16
CA ARG G 38 -12.05 -9.73 -17.25
CA ARG G 38 -12.01 -9.76 -17.07
C ARG G 38 -11.49 -8.43 -16.65
C ARG G 38 -11.45 -8.41 -16.62
N LEU G 39 -12.10 -7.30 -16.98
CA LEU G 39 -11.63 -5.99 -16.53
C LEU G 39 -12.27 -5.58 -15.19
N GLY G 40 -13.34 -6.28 -14.78
CA GLY G 40 -14.01 -6.00 -13.52
C GLY G 40 -14.88 -4.75 -13.49
N VAL G 41 -15.44 -4.38 -14.63
CA VAL G 41 -16.31 -3.21 -14.72
C VAL G 41 -17.76 -3.66 -14.58
N ASP G 42 -18.58 -2.87 -13.89
CA ASP G 42 -19.99 -3.22 -13.69
C ASP G 42 -20.75 -3.26 -15.01
N ALA G 43 -21.66 -4.22 -15.12
CA ALA G 43 -22.45 -4.43 -16.32
C ALA G 43 -23.26 -3.19 -16.74
N ASP G 44 -23.89 -2.54 -15.75
N ASP G 44 -23.90 -2.54 -15.76
CA ASP G 44 -24.69 -1.35 -16.00
CA ASP G 44 -24.71 -1.35 -16.04
C ASP G 44 -23.92 -0.24 -16.71
C ASP G 44 -23.93 -0.23 -16.72
N LYS G 45 -22.63 -0.12 -16.42
CA LYS G 45 -21.79 0.92 -17.03
C LYS G 45 -21.40 0.61 -18.48
N VAL G 46 -21.54 -0.64 -18.90
CA VAL G 46 -21.13 -1.01 -20.24
C VAL G 46 -22.19 -0.76 -21.30
N THR G 47 -22.15 0.44 -21.87
CA THR G 47 -23.07 0.84 -22.93
C THR G 47 -22.22 1.15 -24.16
N GLU G 48 -22.83 1.13 -25.34
CA GLU G 48 -22.12 1.38 -26.58
C GLU G 48 -21.28 2.67 -26.57
N ASP G 49 -21.82 3.71 -25.96
CA ASP G 49 -21.12 5.00 -25.95
C ASP G 49 -20.20 5.26 -24.75
N ALA G 50 -20.10 4.30 -23.85
CA ALA G 50 -19.25 4.46 -22.68
C ALA G 50 -17.77 4.52 -23.10
N SER G 51 -17.12 5.59 -22.66
CA SER G 51 -15.71 5.82 -22.93
C SER G 51 -14.86 5.03 -21.95
N PHE G 52 -13.88 4.30 -22.45
CA PHE G 52 -13.01 3.51 -21.57
C PHE G 52 -12.28 4.37 -20.55
N LYS G 53 -11.66 5.47 -20.98
N LYS G 53 -11.69 5.47 -21.01
CA LYS G 53 -10.90 6.30 -20.04
CA LYS G 53 -10.92 6.36 -20.14
C LYS G 53 -11.75 7.29 -19.22
C LYS G 53 -11.78 7.22 -19.23
N ASP G 54 -12.85 7.79 -19.77
CA ASP G 54 -13.71 8.70 -19.01
C ASP G 54 -14.81 8.01 -18.20
N ASP G 55 -15.38 6.93 -18.73
CA ASP G 55 -16.48 6.26 -18.04
C ASP G 55 -16.18 4.91 -17.38
N LEU G 56 -15.19 4.19 -17.88
CA LEU G 56 -14.90 2.86 -17.33
C LEU G 56 -13.63 2.75 -16.51
N GLY G 57 -12.84 3.83 -16.45
CA GLY G 57 -11.58 3.82 -15.71
C GLY G 57 -10.63 2.81 -16.33
N ALA G 58 -10.67 2.70 -17.65
CA ALA G 58 -9.82 1.75 -18.39
C ALA G 58 -8.69 2.47 -19.12
N ASP G 59 -7.46 2.15 -18.77
CA ASP G 59 -6.28 2.76 -19.38
C ASP G 59 -5.78 1.92 -20.56
N SER G 60 -4.75 2.41 -21.25
CA SER G 60 -4.23 1.71 -22.43
C SER G 60 -3.91 0.23 -22.15
N LEU G 61 -3.43 -0.07 -20.94
CA LEU G 61 -3.10 -1.45 -20.60
C LEU G 61 -4.37 -2.29 -20.63
N ASP G 62 -5.44 -1.79 -19.99
CA ASP G 62 -6.70 -2.50 -19.96
C ASP G 62 -7.19 -2.70 -21.39
N ILE G 63 -7.10 -1.65 -22.18
CA ILE G 63 -7.50 -1.75 -23.58
C ILE G 63 -6.65 -2.78 -24.26
N ALA G 64 -5.34 -2.73 -24.02
CA ALA G 64 -4.44 -3.70 -24.64
C ALA G 64 -4.97 -5.11 -24.34
N GLU G 65 -5.38 -5.34 -23.10
CA GLU G 65 -5.90 -6.64 -22.73
C GLU G 65 -7.15 -6.99 -23.52
N LEU G 66 -8.16 -6.13 -23.44
CA LEU G 66 -9.39 -6.33 -24.19
C LEU G 66 -9.08 -6.79 -25.61
N VAL G 67 -8.21 -6.02 -26.26
CA VAL G 67 -7.79 -6.29 -27.64
C VAL G 67 -7.20 -7.68 -27.82
N MET G 68 -6.30 -8.10 -26.93
CA MET G 68 -5.69 -9.42 -27.04
C MET G 68 -6.68 -10.52 -26.71
N GLU G 69 -7.62 -10.21 -25.81
CA GLU G 69 -8.65 -11.17 -25.45
C GLU G 69 -9.56 -11.38 -26.65
N LEU G 70 -9.83 -10.31 -27.38
CA LEU G 70 -10.66 -10.39 -28.57
C LEU G 70 -9.99 -11.22 -29.65
N GLU G 71 -8.70 -10.95 -29.89
CA GLU G 71 -7.94 -11.70 -30.88
C GLU G 71 -8.11 -13.20 -30.70
N ASP G 72 -8.09 -13.64 -29.45
CA ASP G 72 -8.24 -15.06 -29.13
C ASP G 72 -9.64 -15.59 -29.45
N GLU G 73 -10.66 -14.85 -28.99
CA GLU G 73 -12.06 -15.25 -29.17
C GLU G 73 -12.63 -15.07 -30.59
N PHE G 74 -11.84 -14.52 -31.51
CA PHE G 74 -12.30 -14.31 -32.88
C PHE G 74 -11.20 -14.62 -33.91
N GLY G 75 -10.31 -15.54 -33.57
CA GLY G 75 -9.21 -15.92 -34.47
C GLY G 75 -8.79 -14.79 -35.37
N THR G 76 -8.52 -13.62 -34.77
CA THR G 76 -8.14 -12.42 -35.52
C THR G 76 -6.85 -11.75 -35.00
N GLU G 77 -6.53 -10.62 -35.63
CA GLU G 77 -5.36 -9.82 -35.27
C GLU G 77 -5.78 -8.36 -35.17
N ILE G 78 -5.19 -7.65 -34.21
CA ILE G 78 -5.53 -6.23 -34.00
C ILE G 78 -4.28 -5.41 -33.70
N PRO G 79 -3.74 -4.71 -34.71
CA PRO G 79 -2.56 -3.88 -34.48
C PRO G 79 -2.85 -2.69 -33.58
N ASP G 80 -1.81 -2.15 -32.94
CA ASP G 80 -1.96 -1.00 -32.05
C ASP G 80 -2.60 0.16 -32.79
N GLU G 81 -2.28 0.29 -34.07
CA GLU G 81 -2.85 1.33 -34.91
C GLU G 81 -4.37 1.33 -34.79
N GLU G 82 -4.95 0.14 -34.90
CA GLU G 82 -6.39 0.00 -34.81
C GLU G 82 -6.85 -0.13 -33.35
N ALA G 83 -5.90 -0.43 -32.46
CA ALA G 83 -6.22 -0.56 -31.04
C ALA G 83 -6.37 0.82 -30.42
N GLU G 84 -5.41 1.70 -30.70
CA GLU G 84 -5.43 3.06 -30.17
C GLU G 84 -6.66 3.85 -30.63
N LYS G 85 -7.27 3.40 -31.73
CA LYS G 85 -8.45 4.08 -32.25
C LYS G 85 -9.64 3.86 -31.32
N ILE G 86 -9.57 2.84 -30.47
CA ILE G 86 -10.65 2.52 -29.53
C ILE G 86 -10.75 3.54 -28.39
N ASN G 87 -11.94 4.14 -28.25
CA ASN G 87 -12.21 5.10 -27.19
C ASN G 87 -13.43 4.68 -26.38
N THR G 88 -14.44 4.17 -27.07
CA THR G 88 -15.65 3.73 -26.42
C THR G 88 -15.91 2.27 -26.70
N VAL G 89 -16.79 1.68 -25.91
CA VAL G 89 -17.17 0.29 -26.06
C VAL G 89 -17.68 0.00 -27.46
N GLY G 90 -18.38 0.96 -28.05
CA GLY G 90 -18.94 0.80 -29.39
C GLY G 90 -17.90 0.72 -30.49
N ASP G 91 -16.78 1.39 -30.29
CA ASP G 91 -15.70 1.38 -31.27
C ASP G 91 -15.17 -0.04 -31.42
N ALA G 92 -15.05 -0.73 -30.28
CA ALA G 92 -14.53 -2.09 -30.23
C ALA G 92 -15.44 -3.09 -30.93
N VAL G 93 -16.75 -2.91 -30.79
CA VAL G 93 -17.71 -3.82 -31.42
C VAL G 93 -17.84 -3.50 -32.90
N LYS G 94 -18.09 -2.23 -33.20
CA LYS G 94 -18.23 -1.78 -34.59
C LYS G 94 -16.96 -2.12 -35.35
N PHE G 95 -15.91 -2.48 -34.60
CA PHE G 95 -14.66 -2.89 -35.18
C PHE G 95 -14.77 -4.34 -35.63
N ILE G 96 -15.17 -5.20 -34.69
CA ILE G 96 -15.32 -6.62 -34.98
C ILE G 96 -16.32 -6.89 -36.11
N ASN G 97 -17.33 -6.03 -36.21
CA ASN G 97 -18.36 -6.18 -37.25
C ASN G 97 -17.81 -5.90 -38.65
N ASN H 23 6.29 -37.92 -23.29
CA ASN H 23 5.48 -38.08 -22.03
C ASN H 23 6.33 -37.95 -20.77
N ALA H 24 7.49 -38.61 -20.77
CA ALA H 24 8.41 -38.60 -19.63
C ALA H 24 8.65 -37.24 -18.97
N MET H 25 9.59 -36.47 -19.52
CA MET H 25 9.97 -35.18 -18.98
C MET H 25 9.09 -34.04 -19.53
N GLU H 26 8.33 -34.34 -20.58
CA GLU H 26 7.45 -33.35 -21.22
C GLU H 26 6.43 -32.76 -20.23
N ASN H 27 5.81 -33.62 -19.43
CA ASN H 27 4.84 -33.18 -18.44
C ASN H 27 5.46 -32.25 -17.42
N PHE H 28 6.73 -32.48 -17.07
CA PHE H 28 7.43 -31.62 -16.14
C PHE H 28 7.58 -30.25 -16.78
N ASP H 29 8.07 -30.24 -18.01
CA ASP H 29 8.26 -29.01 -18.75
C ASP H 29 6.99 -28.18 -18.74
N LYS H 30 5.87 -28.81 -19.06
CA LYS H 30 4.59 -28.12 -19.07
C LYS H 30 4.20 -27.56 -17.71
N VAL H 31 4.54 -28.29 -16.64
CA VAL H 31 4.21 -27.84 -15.28
C VAL H 31 5.17 -26.72 -14.87
N LYS H 32 6.39 -26.76 -15.38
CA LYS H 32 7.37 -25.74 -15.06
C LYS H 32 6.95 -24.44 -15.73
N ASP H 33 6.72 -24.49 -17.04
CA ASP H 33 6.26 -23.31 -17.80
C ASP H 33 5.14 -22.58 -17.06
N ILE H 34 4.11 -23.30 -16.64
CA ILE H 34 2.98 -22.70 -15.92
C ILE H 34 3.45 -21.99 -14.68
N ILE H 35 4.27 -22.68 -13.89
CA ILE H 35 4.78 -22.11 -12.65
C ILE H 35 5.60 -20.86 -12.92
N VAL H 36 6.40 -20.89 -13.95
CA VAL H 36 7.26 -19.76 -14.27
C VAL H 36 6.50 -18.60 -14.87
N ASP H 37 5.88 -18.85 -16.01
CA ASP H 37 5.15 -17.83 -16.75
C ASP H 37 3.86 -17.33 -16.10
N ARG H 38 3.19 -18.17 -15.31
CA ARG H 38 1.93 -17.77 -14.69
C ARG H 38 2.08 -17.29 -13.25
N LEU H 39 2.74 -18.10 -12.42
CA LEU H 39 2.90 -17.75 -11.00
C LEU H 39 4.09 -16.83 -10.72
N GLY H 40 4.92 -16.58 -11.73
CA GLY H 40 6.07 -15.67 -11.58
C GLY H 40 7.28 -16.17 -10.80
N VAL H 41 7.38 -17.47 -10.58
CA VAL H 41 8.53 -18.01 -9.84
C VAL H 41 9.69 -18.31 -10.80
N ASP H 42 10.91 -18.02 -10.36
CA ASP H 42 12.10 -18.25 -11.19
C ASP H 42 12.25 -19.68 -11.67
N ALA H 43 12.68 -19.82 -12.91
CA ALA H 43 12.88 -21.12 -13.54
C ALA H 43 13.84 -22.02 -12.75
N ASP H 44 14.92 -21.42 -12.24
CA ASP H 44 15.93 -22.18 -11.52
C ASP H 44 15.46 -22.76 -10.17
N LYS H 45 14.38 -22.21 -9.61
CA LYS H 45 13.88 -22.70 -8.33
C LYS H 45 12.96 -23.89 -8.51
N VAL H 46 12.41 -24.04 -9.72
CA VAL H 46 11.46 -25.11 -10.00
C VAL H 46 12.12 -26.46 -10.26
N THR H 47 12.17 -27.29 -9.22
CA THR H 47 12.75 -28.62 -9.28
C THR H 47 11.72 -29.62 -8.71
N GLU H 48 11.80 -30.89 -9.10
CA GLU H 48 10.83 -31.89 -8.62
C GLU H 48 10.63 -31.80 -7.10
N ASP H 49 11.73 -31.62 -6.38
CA ASP H 49 11.71 -31.57 -4.92
C ASP H 49 11.22 -30.25 -4.32
N ALA H 50 11.05 -29.24 -5.17
CA ALA H 50 10.61 -27.92 -4.73
C ALA H 50 9.26 -27.94 -4.01
N SER H 51 9.20 -27.22 -2.89
CA SER H 51 7.99 -27.11 -2.09
C SER H 51 7.27 -25.81 -2.42
N PHE H 52 6.02 -25.90 -2.84
CA PHE H 52 5.25 -24.70 -3.19
C PHE H 52 5.20 -23.66 -2.07
N LYS H 53 4.77 -24.07 -0.89
CA LYS H 53 4.65 -23.15 0.24
C LYS H 53 5.98 -22.71 0.86
N ASP H 54 6.97 -23.59 0.85
CA ASP H 54 8.24 -23.29 1.48
C ASP H 54 9.39 -22.87 0.56
N ASP H 55 9.32 -23.19 -0.72
CA ASP H 55 10.41 -22.84 -1.64
C ASP H 55 10.03 -21.87 -2.74
N LEU H 56 8.80 -21.98 -3.23
CA LEU H 56 8.33 -21.12 -4.33
C LEU H 56 7.43 -19.95 -3.86
N GLY H 57 7.03 -19.96 -2.60
CA GLY H 57 6.18 -18.89 -2.06
C GLY H 57 4.74 -18.98 -2.53
N ALA H 58 4.33 -20.16 -2.99
CA ALA H 58 2.95 -20.34 -3.48
C ALA H 58 2.04 -20.81 -2.36
N ASP H 59 0.78 -20.38 -2.40
CA ASP H 59 -0.20 -20.76 -1.40
C ASP H 59 -1.36 -21.48 -2.07
N SER H 60 -2.42 -21.77 -1.32
CA SER H 60 -3.59 -22.47 -1.85
C SER H 60 -4.12 -21.83 -3.12
N LEU H 61 -4.12 -20.51 -3.15
CA LEU H 61 -4.63 -19.74 -4.28
C LEU H 61 -3.78 -19.98 -5.52
N ASP H 62 -2.46 -19.89 -5.37
CA ASP H 62 -1.55 -20.16 -6.49
C ASP H 62 -1.68 -21.61 -6.91
N ILE H 63 -1.81 -22.50 -5.92
CA ILE H 63 -1.97 -23.92 -6.21
C ILE H 63 -3.25 -24.12 -6.98
N ALA H 64 -4.28 -23.37 -6.61
CA ALA H 64 -5.56 -23.46 -7.30
C ALA H 64 -5.33 -23.02 -8.74
N GLU H 65 -4.60 -21.92 -8.93
CA GLU H 65 -4.32 -21.41 -10.26
C GLU H 65 -3.64 -22.48 -11.09
N LEU H 66 -2.51 -22.95 -10.58
CA LEU H 66 -1.76 -24.00 -11.23
C LEU H 66 -2.69 -25.14 -11.67
N VAL H 67 -3.52 -25.63 -10.75
CA VAL H 67 -4.40 -26.75 -11.07
C VAL H 67 -5.41 -26.42 -12.17
N MET H 68 -5.97 -25.23 -12.14
CA MET H 68 -6.94 -24.86 -13.17
C MET H 68 -6.30 -24.80 -14.57
N GLU H 69 -5.08 -24.27 -14.66
N GLU H 69 -5.08 -24.28 -14.64
CA GLU H 69 -4.39 -24.20 -15.95
CA GLU H 69 -4.36 -24.18 -15.90
C GLU H 69 -4.10 -25.60 -16.48
C GLU H 69 -4.09 -25.58 -16.46
N LEU H 70 -3.77 -26.52 -15.57
CA LEU H 70 -3.50 -27.90 -15.96
C LEU H 70 -4.74 -28.58 -16.52
N GLU H 71 -5.90 -28.27 -15.95
CA GLU H 71 -7.14 -28.85 -16.42
C GLU H 71 -7.43 -28.42 -17.84
N ASP H 72 -7.15 -27.16 -18.16
CA ASP H 72 -7.37 -26.64 -19.50
C ASP H 72 -6.33 -27.29 -20.39
N GLU H 73 -5.10 -27.29 -19.90
CA GLU H 73 -3.95 -27.86 -20.58
C GLU H 73 -4.23 -29.28 -21.09
N PHE H 74 -4.65 -30.17 -20.19
CA PHE H 74 -4.90 -31.58 -20.52
C PHE H 74 -6.37 -31.97 -20.68
N GLY H 75 -7.27 -30.98 -20.66
CA GLY H 75 -8.70 -31.24 -20.81
C GLY H 75 -9.23 -32.29 -19.85
N THR H 76 -8.98 -32.11 -18.56
CA THR H 76 -9.42 -33.04 -17.53
C THR H 76 -9.91 -32.33 -16.28
N GLU H 77 -10.30 -33.12 -15.28
CA GLU H 77 -10.80 -32.61 -14.01
C GLU H 77 -9.85 -32.97 -12.88
N ILE H 78 -9.54 -31.99 -12.05
CA ILE H 78 -8.66 -32.18 -10.90
C ILE H 78 -9.42 -31.72 -9.66
N PRO H 79 -10.22 -32.62 -9.08
CA PRO H 79 -10.98 -32.25 -7.89
C PRO H 79 -10.10 -31.61 -6.83
N ASP H 80 -10.68 -30.76 -6.01
CA ASP H 80 -9.93 -30.09 -4.95
C ASP H 80 -9.32 -31.11 -3.99
N GLU H 81 -9.94 -32.28 -3.91
CA GLU H 81 -9.47 -33.37 -3.05
C GLU H 81 -8.01 -33.70 -3.33
N GLU H 82 -7.65 -33.69 -4.61
CA GLU H 82 -6.31 -34.03 -5.05
C GLU H 82 -5.32 -32.86 -5.06
N ALA H 83 -5.84 -31.65 -5.20
CA ALA H 83 -4.98 -30.46 -5.23
C ALA H 83 -4.29 -30.26 -3.87
N GLU H 84 -5.00 -30.56 -2.79
CA GLU H 84 -4.45 -30.42 -1.44
C GLU H 84 -3.39 -31.46 -1.09
N LYS H 85 -3.21 -32.46 -1.96
CA LYS H 85 -2.22 -33.50 -1.74
C LYS H 85 -0.83 -33.06 -2.23
N ILE H 86 -0.80 -32.18 -3.22
CA ILE H 86 0.45 -31.73 -3.80
C ILE H 86 1.16 -30.61 -3.00
N ASN H 87 2.26 -30.97 -2.36
CA ASN H 87 3.07 -30.00 -1.61
C ASN H 87 4.27 -29.58 -2.46
N THR H 88 4.69 -30.47 -3.36
CA THR H 88 5.85 -30.22 -4.21
C THR H 88 5.48 -30.22 -5.69
N VAL H 89 6.41 -29.76 -6.52
CA VAL H 89 6.20 -29.71 -7.96
C VAL H 89 6.10 -31.13 -8.52
N GLY H 90 6.82 -32.07 -7.89
CA GLY H 90 6.82 -33.45 -8.34
C GLY H 90 5.46 -34.10 -8.17
N ASP H 91 4.69 -33.62 -7.20
CA ASP H 91 3.36 -34.14 -6.94
C ASP H 91 2.44 -33.74 -8.10
N ALA H 92 2.61 -32.51 -8.59
CA ALA H 92 1.82 -32.02 -9.70
C ALA H 92 2.09 -32.84 -10.95
N VAL H 93 3.37 -33.01 -11.27
CA VAL H 93 3.75 -33.77 -12.44
C VAL H 93 3.19 -35.18 -12.43
N LYS H 94 3.32 -35.85 -11.30
CA LYS H 94 2.85 -37.23 -11.18
C LYS H 94 1.38 -37.36 -11.53
N PHE H 95 0.52 -36.59 -10.87
CA PHE H 95 -0.90 -36.70 -11.16
C PHE H 95 -1.20 -36.57 -12.65
N ILE H 96 -0.52 -35.65 -13.31
CA ILE H 96 -0.71 -35.46 -14.75
C ILE H 96 -0.31 -36.73 -15.51
N ASN H 97 0.74 -37.41 -15.03
CA ASN H 97 1.18 -38.65 -15.64
C ASN H 97 0.07 -39.70 -15.60
N SER H 98 -0.85 -39.57 -14.64
CA SER H 98 -1.97 -40.48 -14.51
C SER H 98 -3.20 -39.93 -15.25
N ALA I 24 -40.97 15.10 -2.43
CA ALA I 24 -39.89 14.29 -1.78
C ALA I 24 -38.68 14.15 -2.71
N MET I 25 -38.74 14.83 -3.85
CA MET I 25 -37.66 14.82 -4.83
C MET I 25 -36.50 15.63 -4.29
N GLU I 26 -36.82 16.63 -3.48
CA GLU I 26 -35.83 17.49 -2.87
C GLU I 26 -34.94 16.67 -1.95
N ASN I 27 -35.54 16.00 -0.97
CA ASN I 27 -34.79 15.18 -0.02
C ASN I 27 -33.98 14.10 -0.72
N PHE I 28 -34.50 13.55 -1.81
CA PHE I 28 -33.77 12.53 -2.54
C PHE I 28 -32.46 13.11 -3.08
N ASP I 29 -32.56 14.20 -3.80
CA ASP I 29 -31.37 14.83 -4.39
C ASP I 29 -30.35 15.24 -3.32
N LYS I 30 -30.82 15.71 -2.17
CA LYS I 30 -29.91 16.10 -1.09
C LYS I 30 -29.18 14.89 -0.54
N VAL I 31 -29.88 13.76 -0.41
CA VAL I 31 -29.24 12.54 0.07
C VAL I 31 -28.24 12.07 -0.98
N LYS I 32 -28.65 12.12 -2.24
CA LYS I 32 -27.81 11.71 -3.35
C LYS I 32 -26.55 12.55 -3.41
N ASP I 33 -26.70 13.86 -3.25
CA ASP I 33 -25.54 14.74 -3.26
C ASP I 33 -24.49 14.28 -2.26
N ILE I 34 -24.93 13.97 -1.05
CA ILE I 34 -24.03 13.52 -0.01
C ILE I 34 -23.29 12.23 -0.40
N ILE I 35 -24.03 11.31 -0.99
CA ILE I 35 -23.50 10.02 -1.41
C ILE I 35 -22.50 10.15 -2.56
N VAL I 36 -22.78 11.04 -3.50
CA VAL I 36 -21.93 11.23 -4.67
C VAL I 36 -20.66 12.03 -4.41
N ASP I 37 -20.79 13.25 -3.93
CA ASP I 37 -19.62 14.10 -3.72
C ASP I 37 -18.94 14.06 -2.35
N ARG I 38 -19.55 13.37 -1.39
CA ARG I 38 -18.92 13.23 -0.06
C ARG I 38 -18.51 11.80 0.22
N LEU I 39 -19.16 10.83 -0.43
CA LEU I 39 -18.77 9.42 -0.28
C LEU I 39 -18.04 8.97 -1.55
N GLY I 40 -18.07 9.81 -2.58
CA GLY I 40 -17.39 9.52 -3.85
C GLY I 40 -18.00 8.43 -4.72
N VAL I 41 -19.32 8.20 -4.60
CA VAL I 41 -20.01 7.18 -5.38
C VAL I 41 -20.60 7.77 -6.66
N ASP I 42 -20.48 7.06 -7.78
CA ASP I 42 -21.04 7.53 -9.05
C ASP I 42 -22.53 7.83 -8.92
N ALA I 43 -22.95 8.92 -9.52
CA ALA I 43 -24.34 9.36 -9.46
C ALA I 43 -25.34 8.40 -10.11
N ASP I 44 -24.92 7.72 -11.18
N ASP I 44 -24.91 7.72 -11.17
CA ASP I 44 -25.80 6.78 -11.89
CA ASP I 44 -25.78 6.79 -11.90
C ASP I 44 -26.12 5.53 -11.08
C ASP I 44 -26.10 5.52 -11.11
N LYS I 45 -25.36 5.26 -10.04
CA LYS I 45 -25.59 4.09 -9.21
C LYS I 45 -26.54 4.42 -8.08
N VAL I 46 -26.71 5.71 -7.80
CA VAL I 46 -27.57 6.13 -6.71
C VAL I 46 -29.05 6.17 -7.10
N THR I 47 -29.73 5.05 -6.87
CA THR I 47 -31.17 4.96 -7.11
C THR I 47 -31.77 4.63 -5.75
N GLU I 48 -33.08 4.81 -5.59
CA GLU I 48 -33.71 4.54 -4.29
C GLU I 48 -33.61 3.08 -3.85
N ASP I 49 -33.50 2.16 -4.79
CA ASP I 49 -33.46 0.74 -4.46
C ASP I 49 -32.03 0.21 -4.25
N ALA I 50 -31.03 1.08 -4.39
CA ALA I 50 -29.63 0.70 -4.24
C ALA I 50 -29.22 0.40 -2.80
N SER I 51 -28.54 -0.74 -2.64
CA SER I 51 -28.03 -1.19 -1.37
C SER I 51 -26.67 -0.56 -1.11
N PHE I 52 -26.45 -0.08 0.10
CA PHE I 52 -25.17 0.53 0.40
C PHE I 52 -24.03 -0.47 0.34
N LYS I 53 -24.18 -1.56 1.08
CA LYS I 53 -23.15 -2.60 1.13
C LYS I 53 -22.99 -3.39 -0.18
N ASP I 54 -24.08 -3.66 -0.87
CA ASP I 54 -24.01 -4.46 -2.10
C ASP I 54 -23.76 -3.66 -3.37
N ASP I 55 -24.43 -2.53 -3.52
CA ASP I 55 -24.34 -1.75 -4.75
C ASP I 55 -23.39 -0.56 -4.73
N LEU I 56 -23.37 0.16 -3.61
CA LEU I 56 -22.56 1.37 -3.54
C LEU I 56 -21.18 1.17 -2.92
N GLY I 57 -20.90 -0.03 -2.41
CA GLY I 57 -19.60 -0.32 -1.80
C GLY I 57 -19.35 0.53 -0.55
N ALA I 58 -20.42 0.96 0.10
CA ALA I 58 -20.32 1.77 1.30
C ALA I 58 -20.52 0.89 2.53
N ASP I 59 -19.59 0.94 3.47
CA ASP I 59 -19.68 0.13 4.70
C ASP I 59 -20.30 0.93 5.86
N SER I 60 -20.35 0.32 7.04
CA SER I 60 -20.93 0.95 8.22
C SER I 60 -20.30 2.30 8.57
N LEU I 61 -18.99 2.45 8.40
CA LEU I 61 -18.34 3.72 8.67
C LEU I 61 -18.90 4.79 7.72
N ASP I 62 -19.06 4.44 6.44
CA ASP I 62 -19.60 5.37 5.44
C ASP I 62 -21.03 5.76 5.75
N ILE I 63 -21.80 4.82 6.26
CA ILE I 63 -23.20 5.06 6.62
C ILE I 63 -23.25 5.97 7.84
N ALA I 64 -22.23 5.85 8.69
CA ALA I 64 -22.12 6.71 9.86
C ALA I 64 -21.86 8.13 9.37
N GLU I 65 -21.05 8.24 8.31
CA GLU I 65 -20.73 9.55 7.72
C GLU I 65 -21.96 10.15 7.06
N LEU I 66 -22.73 9.32 6.37
CA LEU I 66 -23.94 9.79 5.73
C LEU I 66 -24.85 10.33 6.81
N VAL I 67 -25.19 9.45 7.76
CA VAL I 67 -26.06 9.81 8.87
C VAL I 67 -25.63 11.08 9.59
N MET I 68 -24.36 11.22 9.90
CA MET I 68 -23.89 12.42 10.58
C MET I 68 -24.10 13.66 9.71
N GLU I 69 -23.79 13.52 8.43
CA GLU I 69 -23.98 14.62 7.48
C GLU I 69 -25.46 15.00 7.39
N LEU I 70 -26.36 14.01 7.52
CA LEU I 70 -27.79 14.31 7.48
C LEU I 70 -28.23 15.05 8.76
N GLU I 71 -27.51 14.87 9.86
CA GLU I 71 -27.82 15.59 11.10
C GLU I 71 -27.49 17.07 10.95
N ASP I 72 -26.42 17.36 10.24
CA ASP I 72 -25.95 18.70 10.00
C ASP I 72 -26.83 19.45 9.03
N GLU I 73 -27.26 18.76 7.97
CA GLU I 73 -28.11 19.38 6.94
C GLU I 73 -29.58 19.56 7.32
N PHE I 74 -30.02 18.97 8.43
CA PHE I 74 -31.41 19.13 8.82
C PHE I 74 -31.59 19.47 10.30
N GLY I 75 -30.50 19.60 11.04
CA GLY I 75 -30.60 19.91 12.46
C GLY I 75 -31.37 18.84 13.21
N THR I 76 -31.20 17.59 12.79
CA THR I 76 -31.89 16.46 13.40
C THR I 76 -30.88 15.52 14.03
N GLU I 77 -31.33 14.77 15.02
CA GLU I 77 -30.48 13.80 15.67
C GLU I 77 -30.94 12.40 15.26
N ILE I 78 -29.99 11.59 14.79
CA ILE I 78 -30.29 10.25 14.35
C ILE I 78 -29.52 9.21 15.17
N PRO I 79 -30.19 8.55 16.11
CA PRO I 79 -29.50 7.53 16.92
C PRO I 79 -29.23 6.28 16.10
N ASP I 80 -28.25 5.47 16.52
CA ASP I 80 -27.94 4.23 15.81
C ASP I 80 -29.15 3.33 15.63
N GLU I 81 -30.14 3.50 16.48
CA GLU I 81 -31.34 2.70 16.42
C GLU I 81 -32.04 2.89 15.08
N GLU I 82 -31.94 4.09 14.52
CA GLU I 82 -32.55 4.39 13.21
C GLU I 82 -31.54 4.39 12.08
N ALA I 83 -30.26 4.49 12.42
CA ALA I 83 -29.20 4.47 11.43
C ALA I 83 -28.93 3.03 11.01
N GLU I 84 -29.28 2.09 11.89
CA GLU I 84 -29.04 0.70 11.61
C GLU I 84 -30.18 0.17 10.73
N LYS I 85 -31.26 0.93 10.64
CA LYS I 85 -32.40 0.56 9.82
C LYS I 85 -32.24 1.03 8.37
N ILE I 86 -31.10 1.63 8.04
CA ILE I 86 -30.92 2.12 6.67
C ILE I 86 -29.89 1.32 5.89
N ASN I 87 -30.39 0.48 4.99
CA ASN I 87 -29.54 -0.36 4.15
C ASN I 87 -29.59 0.05 2.67
N THR I 88 -30.47 0.98 2.33
CA THR I 88 -30.62 1.44 0.95
C THR I 88 -30.83 2.95 0.88
N VAL I 89 -30.75 3.49 -0.33
CA VAL I 89 -30.93 4.93 -0.51
C VAL I 89 -32.33 5.35 -0.05
N GLY I 90 -33.34 4.61 -0.51
CA GLY I 90 -34.73 4.87 -0.14
C GLY I 90 -34.93 4.90 1.37
N ASP I 91 -34.19 4.06 2.08
CA ASP I 91 -34.27 4.04 3.54
C ASP I 91 -33.83 5.39 4.07
N ALA I 92 -32.68 5.88 3.60
CA ALA I 92 -32.18 7.16 4.06
C ALA I 92 -33.17 8.29 3.70
N VAL I 93 -33.68 8.25 2.48
CA VAL I 93 -34.64 9.23 1.99
C VAL I 93 -35.88 9.17 2.86
N LYS I 94 -36.52 8.02 2.87
CA LYS I 94 -37.71 7.81 3.66
C LYS I 94 -37.57 8.50 5.02
N PHE I 95 -36.47 8.22 5.71
CA PHE I 95 -36.26 8.81 7.02
C PHE I 95 -36.29 10.33 7.03
N ILE I 96 -35.75 10.97 5.99
CA ILE I 96 -35.77 12.43 5.96
C ILE I 96 -37.20 12.94 5.85
N ASN I 97 -37.95 12.36 4.92
CA ASN I 97 -39.35 12.73 4.71
C ASN I 97 -40.22 12.55 5.95
N SER I 98 -39.73 11.82 6.95
CA SER I 98 -40.52 11.60 8.17
C SER I 98 -40.45 12.82 9.09
N LEU I 99 -39.44 13.67 8.90
CA LEU I 99 -39.29 14.87 9.72
C LEU I 99 -40.15 16.01 9.19
N ALA J 24 39.74 -16.55 0.59
CA ALA J 24 39.21 -16.27 -0.78
C ALA J 24 37.81 -16.86 -0.93
N MET J 25 37.72 -18.17 -0.80
CA MET J 25 36.42 -18.85 -0.91
C MET J 25 35.65 -18.52 0.38
N GLU J 26 36.40 -18.18 1.43
CA GLU J 26 35.82 -17.81 2.71
C GLU J 26 35.19 -16.42 2.59
N ASN J 27 35.95 -15.48 2.01
CA ASN J 27 35.43 -14.14 1.80
C ASN J 27 34.11 -14.23 1.08
N PHE J 28 34.05 -15.12 0.09
CA PHE J 28 32.82 -15.34 -0.66
C PHE J 28 31.69 -15.73 0.28
N ASP J 29 31.99 -16.62 1.22
CA ASP J 29 30.99 -17.03 2.18
C ASP J 29 30.52 -15.84 3.00
N LYS J 30 31.46 -15.03 3.49
CA LYS J 30 31.10 -13.85 4.30
C LYS J 30 30.26 -12.86 3.50
N VAL J 31 30.65 -12.62 2.26
CA VAL J 31 29.92 -11.70 1.40
C VAL J 31 28.53 -12.25 1.12
N LYS J 32 28.43 -13.57 0.92
CA LYS J 32 27.16 -14.21 0.67
C LYS J 32 26.23 -14.13 1.88
N ASP J 33 26.78 -14.30 3.08
CA ASP J 33 25.97 -14.21 4.29
C ASP J 33 25.37 -12.82 4.44
N ILE J 34 26.16 -11.80 4.11
CA ILE J 34 25.70 -10.42 4.17
C ILE J 34 24.55 -10.23 3.21
N ILE J 35 24.76 -10.64 1.97
CA ILE J 35 23.74 -10.50 0.92
C ILE J 35 22.44 -11.24 1.27
N VAL J 36 22.58 -12.40 1.89
CA VAL J 36 21.42 -13.21 2.25
C VAL J 36 20.72 -12.74 3.53
N ASP J 37 21.47 -12.63 4.62
CA ASP J 37 20.93 -12.21 5.91
C ASP J 37 20.49 -10.75 5.97
N ARG J 38 21.27 -9.87 5.35
CA ARG J 38 20.99 -8.44 5.40
C ARG J 38 20.02 -7.96 4.31
N LEU J 39 20.28 -8.33 3.06
CA LEU J 39 19.43 -7.91 1.95
C LEU J 39 18.29 -8.90 1.62
N GLY J 40 18.26 -10.04 2.29
CA GLY J 40 17.21 -11.03 2.10
C GLY J 40 17.10 -11.76 0.77
N VAL J 41 18.23 -12.01 0.11
CA VAL J 41 18.23 -12.74 -1.16
C VAL J 41 18.49 -14.22 -0.87
N ASP J 42 17.78 -15.12 -1.55
CA ASP J 42 17.95 -16.55 -1.33
C ASP J 42 19.40 -17.01 -1.46
N ALA J 43 19.75 -18.02 -0.68
CA ALA J 43 21.10 -18.58 -0.68
C ALA J 43 21.46 -19.13 -2.07
N ASP J 44 20.55 -19.90 -2.67
CA ASP J 44 20.82 -20.51 -3.98
C ASP J 44 20.99 -19.50 -5.14
N LYS J 45 20.54 -18.26 -4.96
CA LYS J 45 20.70 -17.26 -6.02
C LYS J 45 22.03 -16.54 -5.93
N VAL J 46 22.73 -16.68 -4.81
CA VAL J 46 24.00 -15.98 -4.64
C VAL J 46 25.19 -16.77 -5.18
N THR J 47 25.49 -16.50 -6.46
CA THR J 47 26.59 -17.12 -7.17
C THR J 47 27.54 -16.02 -7.60
N GLU J 48 28.76 -16.40 -7.98
CA GLU J 48 29.77 -15.42 -8.40
C GLU J 48 29.35 -14.54 -9.56
N ASP J 49 28.82 -15.14 -10.62
CA ASP J 49 28.38 -14.37 -11.79
C ASP J 49 26.98 -13.73 -11.65
N ALA J 50 26.35 -13.89 -10.49
CA ALA J 50 25.03 -13.31 -10.28
C ALA J 50 25.08 -11.80 -10.33
N SER J 51 24.22 -11.20 -11.14
CA SER J 51 24.13 -9.75 -11.25
C SER J 51 23.18 -9.23 -10.16
N PHE J 52 23.52 -8.11 -9.54
CA PHE J 52 22.66 -7.54 -8.51
C PHE J 52 21.36 -6.98 -9.09
N LYS J 53 21.52 -6.02 -10.00
CA LYS J 53 20.40 -5.35 -10.64
C LYS J 53 19.48 -6.25 -11.46
N ASP J 54 19.99 -7.38 -11.95
CA ASP J 54 19.20 -8.26 -12.81
C ASP J 54 18.93 -9.67 -12.29
N ASP J 55 19.70 -10.14 -11.33
CA ASP J 55 19.47 -11.47 -10.78
C ASP J 55 19.03 -11.47 -9.32
N LEU J 56 19.51 -10.49 -8.54
CA LEU J 56 19.21 -10.48 -7.11
C LEU J 56 18.28 -9.32 -6.72
N GLY J 57 17.66 -8.68 -7.71
CA GLY J 57 16.75 -7.55 -7.47
C GLY J 57 17.30 -6.51 -6.50
N ALA J 58 18.56 -6.15 -6.66
CA ALA J 58 19.21 -5.18 -5.81
C ALA J 58 19.50 -3.91 -6.58
N ASP J 59 18.91 -2.79 -6.14
CA ASP J 59 19.15 -1.53 -6.81
C ASP J 59 20.39 -0.87 -6.23
N SER J 60 20.65 0.39 -6.60
CA SER J 60 21.82 1.09 -6.11
C SER J 60 21.84 1.24 -4.60
N LEU J 61 20.68 1.48 -4.00
CA LEU J 61 20.57 1.63 -2.57
C LEU J 61 21.05 0.34 -1.87
N ASP J 62 20.54 -0.80 -2.33
CA ASP J 62 20.92 -2.09 -1.77
C ASP J 62 22.42 -2.32 -1.85
N ILE J 63 23.02 -1.83 -2.92
CA ILE J 63 24.46 -1.98 -3.10
C ILE J 63 25.22 -1.13 -2.09
N ALA J 64 24.66 0.04 -1.78
CA ALA J 64 25.27 0.94 -0.81
C ALA J 64 25.23 0.26 0.56
N GLU J 65 24.15 -0.50 0.81
CA GLU J 65 24.00 -1.22 2.06
C GLU J 65 25.04 -2.31 2.15
N LEU J 66 25.25 -3.02 1.03
CA LEU J 66 26.28 -4.08 0.97
C LEU J 66 27.62 -3.44 1.28
N VAL J 67 27.92 -2.37 0.56
CA VAL J 67 29.16 -1.63 0.73
C VAL J 67 29.42 -1.33 2.20
N MET J 68 28.44 -0.71 2.86
CA MET J 68 28.60 -0.33 4.27
C MET J 68 28.73 -1.51 5.21
N GLU J 69 28.00 -2.59 4.96
CA GLU J 69 28.13 -3.77 5.82
C GLU J 69 29.55 -4.33 5.65
N LEU J 70 30.06 -4.29 4.42
CA LEU J 70 31.42 -4.77 4.13
C LEU J 70 32.50 -3.96 4.84
N GLU J 71 32.18 -2.72 5.19
CA GLU J 71 33.12 -1.87 5.90
C GLU J 71 33.14 -2.24 7.38
N ASP J 72 31.99 -2.62 7.91
CA ASP J 72 31.87 -3.05 9.30
C ASP J 72 32.53 -4.38 9.54
N GLU J 73 32.27 -5.32 8.65
CA GLU J 73 32.81 -6.68 8.76
C GLU J 73 34.33 -6.72 8.63
N PHE J 74 34.89 -5.93 7.72
CA PHE J 74 36.34 -5.94 7.47
C PHE J 74 37.12 -4.69 7.91
N GLY J 75 36.47 -3.81 8.67
CA GLY J 75 37.11 -2.58 9.16
C GLY J 75 37.85 -1.81 8.08
N THR J 76 37.23 -1.69 6.93
CA THR J 76 37.83 -0.96 5.81
C THR J 76 37.00 0.29 5.46
N GLU J 77 37.43 0.99 4.42
CA GLU J 77 36.76 2.20 3.97
C GLU J 77 36.66 2.10 2.44
N ILE J 78 35.43 1.93 1.97
CA ILE J 78 35.17 1.77 0.53
C ILE J 78 34.45 2.99 -0.03
N PRO J 79 35.17 3.83 -0.78
CA PRO J 79 34.57 5.02 -1.36
C PRO J 79 33.55 4.67 -2.43
N ASP J 80 32.63 5.60 -2.70
CA ASP J 80 31.59 5.38 -3.69
C ASP J 80 32.19 5.21 -5.09
N GLU J 81 33.32 5.87 -5.34
CA GLU J 81 33.97 5.79 -6.65
C GLU J 81 34.48 4.37 -6.96
N GLU J 82 34.37 3.48 -5.99
CA GLU J 82 34.78 2.07 -6.15
C GLU J 82 33.58 1.13 -6.13
N ALA J 83 32.56 1.48 -5.36
CA ALA J 83 31.35 0.67 -5.29
C ALA J 83 30.64 0.67 -6.64
N GLU J 84 31.05 1.57 -7.53
CA GLU J 84 30.50 1.68 -8.86
C GLU J 84 31.01 0.52 -9.71
N LYS J 85 32.15 -0.05 -9.32
CA LYS J 85 32.76 -1.18 -10.02
C LYS J 85 31.89 -2.42 -9.94
N ILE J 86 31.54 -2.80 -8.73
CA ILE J 86 30.77 -4.02 -8.49
C ILE J 86 29.31 -4.02 -8.91
N ASN J 87 28.96 -4.99 -9.75
CA ASN J 87 27.58 -5.20 -10.18
C ASN J 87 27.29 -6.71 -10.16
N THR J 88 28.20 -7.49 -9.58
CA THR J 88 28.05 -8.92 -9.46
C THR J 88 28.64 -9.38 -8.13
N VAL J 89 28.11 -10.48 -7.61
CA VAL J 89 28.61 -11.01 -6.34
C VAL J 89 30.11 -11.18 -6.44
N GLY J 90 30.57 -11.75 -7.55
CA GLY J 90 31.99 -11.97 -7.80
C GLY J 90 32.83 -10.72 -7.66
N ASP J 91 32.36 -9.60 -8.25
CA ASP J 91 33.09 -8.33 -8.17
C ASP J 91 33.36 -7.94 -6.72
N ALA J 92 32.38 -8.19 -5.86
CA ALA J 92 32.51 -7.86 -4.44
C ALA J 92 33.63 -8.65 -3.77
N VAL J 93 33.62 -9.95 -3.96
CA VAL J 93 34.63 -10.83 -3.37
C VAL J 93 36.03 -10.43 -3.77
N LYS J 94 36.20 -10.08 -5.05
CA LYS J 94 37.49 -9.69 -5.58
C LYS J 94 38.05 -8.54 -4.76
N PHE J 95 37.24 -7.50 -4.59
CA PHE J 95 37.67 -6.35 -3.84
C PHE J 95 38.05 -6.71 -2.41
N ILE J 96 37.35 -7.66 -1.81
CA ILE J 96 37.68 -8.09 -0.45
C ILE J 96 39.01 -8.79 -0.42
N ASN J 97 39.13 -9.87 -1.20
CA ASN J 97 40.37 -10.64 -1.27
C ASN J 97 41.57 -9.72 -1.41
N SER J 98 41.41 -8.69 -2.23
CA SER J 98 42.45 -7.69 -2.48
C SER J 98 43.08 -7.11 -1.21
N LEU J 99 42.27 -6.90 -0.17
CA LEU J 99 42.77 -6.36 1.09
C LEU J 99 43.71 -7.35 1.78
N ASN K 23 25.04 9.17 36.63
CA ASN K 23 24.86 8.76 35.21
C ASN K 23 23.41 8.77 34.77
N ALA K 24 22.54 9.33 35.61
CA ALA K 24 21.12 9.40 35.31
C ALA K 24 20.90 9.95 33.90
N MET K 25 21.15 11.24 33.73
CA MET K 25 20.97 11.90 32.44
C MET K 25 22.02 11.47 31.44
N GLU K 26 23.18 11.02 31.93
CA GLU K 26 24.27 10.57 31.08
C GLU K 26 23.83 9.35 30.25
N ASN K 27 23.02 8.48 30.84
CA ASN K 27 22.52 7.31 30.14
C ASN K 27 21.28 7.65 29.31
N PHE K 28 20.51 8.61 29.81
CA PHE K 28 19.30 9.07 29.13
C PHE K 28 19.59 9.53 27.70
N ASP K 29 20.68 10.26 27.53
CA ASP K 29 21.05 10.76 26.20
C ASP K 29 21.39 9.63 25.24
N LYS K 30 22.05 8.59 25.74
CA LYS K 30 22.37 7.45 24.90
C LYS K 30 21.12 6.75 24.43
N VAL K 31 20.16 6.61 25.33
CA VAL K 31 18.90 5.95 25.01
C VAL K 31 18.14 6.81 24.02
N LYS K 32 18.16 8.12 24.26
CA LYS K 32 17.48 9.10 23.43
C LYS K 32 18.02 9.11 22.00
N ASP K 33 19.33 8.95 21.85
CA ASP K 33 19.93 8.91 20.51
C ASP K 33 19.37 7.72 19.76
N ILE K 34 19.31 6.58 20.42
CA ILE K 34 18.79 5.37 19.81
C ILE K 34 17.34 5.55 19.38
N ILE K 35 16.53 6.11 20.27
CA ILE K 35 15.12 6.31 19.97
C ILE K 35 14.94 7.24 18.78
N VAL K 36 15.77 8.28 18.69
CA VAL K 36 15.66 9.24 17.60
C VAL K 36 16.29 8.74 16.31
N ASP K 37 17.56 8.38 16.37
CA ASP K 37 18.29 7.90 15.20
C ASP K 37 17.80 6.55 14.66
N ARG K 38 17.51 5.61 15.55
CA ARG K 38 17.07 4.28 15.12
C ARG K 38 15.57 4.18 14.84
N LEU K 39 14.76 4.56 15.83
CA LEU K 39 13.30 4.50 15.71
C LEU K 39 12.65 5.65 14.94
N GLY K 40 13.40 6.71 14.66
CA GLY K 40 12.86 7.84 13.90
C GLY K 40 11.83 8.70 14.61
N VAL K 41 11.96 8.84 15.92
CA VAL K 41 11.05 9.67 16.71
C VAL K 41 11.75 11.00 16.95
N ASP K 42 11.03 12.11 16.83
CA ASP K 42 11.64 13.43 17.05
C ASP K 42 12.19 13.57 18.45
N ALA K 43 13.35 14.21 18.56
CA ALA K 43 14.00 14.41 19.85
C ALA K 43 13.13 15.17 20.85
N ASP K 44 12.31 16.09 20.34
CA ASP K 44 11.42 16.88 21.20
C ASP K 44 10.35 16.08 21.93
N LYS K 45 10.02 14.89 21.43
CA LYS K 45 9.01 14.05 22.06
C LYS K 45 9.62 13.13 23.10
N VAL K 46 10.88 12.81 22.90
CA VAL K 46 11.56 11.87 23.76
C VAL K 46 11.98 12.43 25.12
N THR K 47 11.12 12.21 26.11
CA THR K 47 11.36 12.60 27.50
C THR K 47 11.10 11.37 28.35
N GLU K 48 11.55 11.37 29.60
CA GLU K 48 11.37 10.20 30.48
C GLU K 48 9.91 9.81 30.72
N ASP K 49 9.05 10.80 30.89
CA ASP K 49 7.63 10.55 31.13
C ASP K 49 6.90 10.06 29.88
N ALA K 50 7.55 10.17 28.73
CA ALA K 50 6.94 9.77 27.47
C ALA K 50 6.73 8.26 27.37
N SER K 51 5.50 7.88 27.04
CA SER K 51 5.12 6.49 26.88
C SER K 51 5.38 6.06 25.44
N PHE K 52 5.99 4.88 25.26
CA PHE K 52 6.31 4.36 23.93
C PHE K 52 5.09 4.16 23.04
N LYS K 53 4.07 3.52 23.57
CA LYS K 53 2.84 3.28 22.81
C LYS K 53 1.99 4.55 22.64
N ASP K 54 1.67 5.18 23.76
CA ASP K 54 0.79 6.34 23.76
C ASP K 54 1.36 7.68 23.23
N ASP K 55 2.66 7.91 23.38
CA ASP K 55 3.26 9.18 22.95
C ASP K 55 4.23 9.10 21.78
N LEU K 56 4.98 8.01 21.69
CA LEU K 56 6.00 7.91 20.63
C LEU K 56 5.57 7.09 19.41
N GLY K 57 4.52 6.29 19.55
CA GLY K 57 4.03 5.48 18.43
C GLY K 57 4.85 4.22 18.18
N ALA K 58 5.59 3.78 19.19
CA ALA K 58 6.44 2.60 19.10
C ALA K 58 5.77 1.40 19.79
N ASP K 59 5.69 0.28 19.06
CA ASP K 59 5.04 -0.95 19.56
C ASP K 59 6.05 -1.88 20.27
N SER K 60 5.65 -3.14 20.48
CA SER K 60 6.53 -4.11 21.15
C SER K 60 7.74 -4.48 20.30
N LEU K 61 7.57 -4.47 18.98
CA LEU K 61 8.67 -4.76 18.07
C LEU K 61 9.75 -3.68 18.17
N ASP K 62 9.33 -2.42 18.32
CA ASP K 62 10.25 -1.29 18.45
C ASP K 62 10.98 -1.32 19.79
N ILE K 63 10.26 -1.69 20.84
CA ILE K 63 10.83 -1.76 22.18
C ILE K 63 11.88 -2.87 22.24
N ALA K 64 11.64 -3.94 21.47
CA ALA K 64 12.57 -5.06 21.39
C ALA K 64 13.84 -4.61 20.65
N GLU K 65 13.68 -3.68 19.73
CA GLU K 65 14.81 -3.17 18.95
C GLU K 65 15.71 -2.29 19.82
N LEU K 66 15.10 -1.45 20.64
CA LEU K 66 15.82 -0.58 21.55
C LEU K 66 16.63 -1.42 22.52
N VAL K 67 15.97 -2.40 23.13
CA VAL K 67 16.61 -3.28 24.09
C VAL K 67 17.85 -3.98 23.52
N MET K 68 17.71 -4.64 22.38
CA MET K 68 18.86 -5.32 21.75
C MET K 68 19.96 -4.34 21.42
N GLU K 69 19.60 -3.10 21.15
CA GLU K 69 20.57 -2.05 20.85
C GLU K 69 21.28 -1.62 22.13
N LEU K 70 20.54 -1.50 23.22
CA LEU K 70 21.13 -1.11 24.49
C LEU K 70 22.09 -2.19 24.98
N GLU K 71 21.78 -3.44 24.66
CA GLU K 71 22.65 -4.55 25.03
C GLU K 71 24.01 -4.34 24.39
N ASP K 72 24.02 -4.12 23.08
CA ASP K 72 25.27 -3.89 22.35
C ASP K 72 26.02 -2.69 22.94
N GLU K 73 25.30 -1.59 23.15
CA GLU K 73 25.90 -0.36 23.69
C GLU K 73 26.50 -0.60 25.07
N PHE K 74 25.66 -0.99 26.03
CA PHE K 74 26.12 -1.23 27.41
C PHE K 74 26.58 -2.67 27.67
N GLY K 75 26.91 -3.40 26.60
CA GLY K 75 27.38 -4.78 26.73
C GLY K 75 26.78 -5.61 27.86
N THR K 76 25.45 -5.62 27.95
CA THR K 76 24.76 -6.40 29.01
C THR K 76 23.46 -6.99 28.52
N GLU K 77 23.14 -8.18 29.04
CA GLU K 77 21.93 -8.91 28.68
C GLU K 77 20.68 -8.27 29.29
N ILE K 78 19.63 -8.15 28.48
CA ILE K 78 18.36 -7.59 28.92
C ILE K 78 17.24 -8.56 28.59
N PRO K 79 16.87 -9.42 29.56
CA PRO K 79 15.82 -10.41 29.35
C PRO K 79 14.47 -9.78 28.99
N ASP K 80 13.67 -10.51 28.22
CA ASP K 80 12.37 -10.02 27.78
C ASP K 80 11.46 -9.74 28.98
N GLU K 81 11.47 -10.64 29.95
CA GLU K 81 10.64 -10.49 31.14
C GLU K 81 10.64 -9.03 31.59
N GLU K 82 11.83 -8.43 31.64
CA GLU K 82 11.99 -7.06 32.05
C GLU K 82 11.63 -6.11 30.91
N ALA K 83 12.04 -6.46 29.70
CA ALA K 83 11.74 -5.66 28.52
C ALA K 83 10.25 -5.33 28.43
N GLU K 84 9.40 -6.32 28.69
CA GLU K 84 7.95 -6.10 28.61
C GLU K 84 7.40 -5.19 29.71
N LYS K 85 8.21 -4.88 30.73
CA LYS K 85 7.78 -4.01 31.82
C LYS K 85 8.07 -2.53 31.54
N ILE K 86 8.93 -2.26 30.57
CA ILE K 86 9.27 -0.88 30.23
C ILE K 86 8.20 -0.25 29.34
N ASN K 87 7.46 0.70 29.90
CA ASN K 87 6.41 1.38 29.15
C ASN K 87 6.73 2.83 28.79
N THR K 88 7.72 3.41 29.48
CA THR K 88 8.11 4.79 29.21
C THR K 88 9.60 4.87 28.96
N VAL K 89 10.04 6.02 28.45
CA VAL K 89 11.45 6.22 28.19
C VAL K 89 12.23 6.11 29.51
N GLY K 90 11.65 6.67 30.57
CA GLY K 90 12.28 6.62 31.88
C GLY K 90 12.51 5.20 32.34
N ASP K 91 11.58 4.31 32.02
CA ASP K 91 11.69 2.90 32.41
C ASP K 91 12.85 2.19 31.70
N ALA K 92 13.18 2.64 30.50
CA ALA K 92 14.31 2.05 29.79
C ALA K 92 15.58 2.50 30.52
N VAL K 93 15.58 3.76 30.96
CA VAL K 93 16.73 4.32 31.68
C VAL K 93 16.98 3.59 33.00
N LYS K 94 15.91 3.24 33.72
CA LYS K 94 16.04 2.52 34.99
C LYS K 94 17.04 1.39 34.88
N PHE K 95 16.79 0.47 33.96
CA PHE K 95 17.66 -0.68 33.82
C PHE K 95 19.11 -0.26 33.65
N ILE K 96 19.39 0.54 32.64
CA ILE K 96 20.75 0.98 32.39
C ILE K 96 21.43 1.48 33.67
N ASN K 97 20.66 2.09 34.56
CA ASN K 97 21.19 2.59 35.83
C ASN K 97 21.43 1.46 36.81
N SER K 98 20.49 0.53 36.87
CA SER K 98 20.55 -0.62 37.77
C SER K 98 21.91 -1.35 37.70
N ASN L 23 -7.35 38.26 20.31
CA ASN L 23 -6.87 38.14 18.90
C ASN L 23 -5.56 37.37 18.79
N ALA L 24 -4.49 37.90 19.38
CA ALA L 24 -3.19 37.21 19.34
C ALA L 24 -3.39 35.76 19.74
N MET L 25 -3.54 35.50 21.04
CA MET L 25 -3.76 34.15 21.55
C MET L 25 -5.05 33.52 21.04
N GLU L 26 -6.15 34.28 21.06
CA GLU L 26 -7.43 33.78 20.57
C GLU L 26 -7.30 33.17 19.18
N ASN L 27 -6.86 33.99 18.23
CA ASN L 27 -6.71 33.54 16.85
C ASN L 27 -5.68 32.44 16.71
N PHE L 28 -4.61 32.53 17.49
CA PHE L 28 -3.57 31.51 17.47
C PHE L 28 -4.17 30.16 17.77
N ASP L 29 -4.92 30.09 18.88
CA ASP L 29 -5.57 28.88 19.32
C ASP L 29 -6.57 28.36 18.27
N LYS L 30 -7.22 29.27 17.56
CA LYS L 30 -8.18 28.86 16.53
C LYS L 30 -7.46 28.27 15.33
N VAL L 31 -6.28 28.80 15.02
CA VAL L 31 -5.48 28.28 13.92
C VAL L 31 -4.86 26.97 14.36
N LYS L 32 -4.56 26.88 15.66
CA LYS L 32 -3.97 25.68 16.21
C LYS L 32 -4.97 24.52 16.17
N ASP L 33 -6.22 24.79 16.54
CA ASP L 33 -7.27 23.77 16.52
C ASP L 33 -7.43 23.16 15.15
N ILE L 34 -7.46 24.01 14.13
CA ILE L 34 -7.60 23.55 12.76
C ILE L 34 -6.41 22.65 12.40
N ILE L 35 -5.21 23.10 12.72
CA ILE L 35 -4.02 22.32 12.45
C ILE L 35 -4.04 20.96 13.16
N VAL L 36 -4.58 20.92 14.38
CA VAL L 36 -4.58 19.68 15.16
C VAL L 36 -5.73 18.73 14.82
N ASP L 37 -6.95 19.23 14.86
CA ASP L 37 -8.14 18.44 14.57
C ASP L 37 -8.31 18.11 13.07
N ARG L 38 -8.11 19.09 12.20
CA ARG L 38 -8.25 18.87 10.74
C ARG L 38 -7.07 18.17 10.10
N LEU L 39 -5.88 18.76 10.24
CA LEU L 39 -4.66 18.21 9.65
C LEU L 39 -4.09 16.99 10.38
N GLY L 40 -4.40 16.85 11.66
CA GLY L 40 -3.94 15.70 12.45
C GLY L 40 -2.53 15.82 13.02
N VAL L 41 -2.11 17.04 13.30
CA VAL L 41 -0.79 17.30 13.86
C VAL L 41 -0.86 17.44 15.38
N ASP L 42 0.13 16.90 16.08
CA ASP L 42 0.16 16.99 17.54
C ASP L 42 0.19 18.44 17.99
N ALA L 43 -0.47 18.70 19.12
CA ALA L 43 -0.58 20.04 19.69
C ALA L 43 0.77 20.66 20.10
N ASP L 44 1.62 19.88 20.74
N ASP L 44 1.62 19.88 20.74
CA ASP L 44 2.92 20.35 21.18
CA ASP L 44 2.93 20.35 21.18
C ASP L 44 3.83 20.78 20.03
C ASP L 44 3.82 20.79 20.03
N LYS L 45 3.57 20.27 18.83
CA LYS L 45 4.36 20.63 17.65
C LYS L 45 3.95 21.95 17.07
N VAL L 46 2.74 22.39 17.40
CA VAL L 46 2.22 23.64 16.84
C VAL L 46 2.60 24.88 17.63
N THR L 47 3.65 25.57 17.17
CA THR L 47 4.10 26.82 17.75
C THR L 47 4.22 27.78 16.58
N GLU L 48 4.24 29.08 16.85
CA GLU L 48 4.29 30.07 15.78
C GLU L 48 5.50 30.00 14.86
N ASP L 49 6.62 29.53 15.38
CA ASP L 49 7.84 29.44 14.59
C ASP L 49 7.92 28.15 13.76
N ALA L 50 7.03 27.20 14.04
CA ALA L 50 7.02 25.92 13.33
C ALA L 50 6.63 26.06 11.85
N SER L 51 7.46 25.46 10.99
CA SER L 51 7.24 25.46 9.56
C SER L 51 6.30 24.32 9.18
N PHE L 52 5.25 24.61 8.42
CA PHE L 52 4.30 23.56 8.02
C PHE L 52 5.03 22.43 7.31
N LYS L 53 5.82 22.82 6.30
CA LYS L 53 6.55 21.89 5.48
C LYS L 53 7.66 21.14 6.22
N ASP L 54 8.54 21.88 6.90
CA ASP L 54 9.70 21.29 7.59
C ASP L 54 9.46 20.71 8.99
N ASP L 55 8.46 21.21 9.71
CA ASP L 55 8.20 20.72 11.07
C ASP L 55 6.91 19.92 11.23
N LEU L 56 5.87 20.26 10.47
CA LEU L 56 4.57 19.60 10.62
C LEU L 56 4.24 18.54 9.55
N GLY L 57 5.02 18.48 8.48
CA GLY L 57 4.76 17.53 7.41
C GLY L 57 3.54 17.90 6.60
N ALA L 58 3.22 19.19 6.56
CA ALA L 58 2.06 19.67 5.81
C ALA L 58 2.44 20.17 4.42
N ASP L 59 2.12 19.42 3.38
CA ASP L 59 2.44 19.84 2.03
C ASP L 59 1.53 21.00 1.58
N SER L 60 1.66 21.41 0.32
CA SER L 60 0.86 22.51 -0.20
C SER L 60 -0.64 22.19 -0.23
N LEU L 61 -1.00 20.91 -0.28
CA LEU L 61 -2.41 20.53 -0.30
C LEU L 61 -3.01 20.77 1.09
N ASP L 62 -2.25 20.51 2.15
CA ASP L 62 -2.73 20.74 3.51
C ASP L 62 -2.87 22.23 3.78
N ILE L 63 -1.97 23.03 3.23
CA ILE L 63 -2.03 24.47 3.42
C ILE L 63 -3.32 24.99 2.79
N ALA L 64 -3.66 24.48 1.61
CA ALA L 64 -4.91 24.87 0.96
C ALA L 64 -6.05 24.57 1.92
N GLU L 65 -6.09 23.34 2.41
CA GLU L 65 -7.13 22.93 3.33
C GLU L 65 -7.27 23.94 4.48
N LEU L 66 -6.15 24.25 5.11
CA LEU L 66 -6.10 25.18 6.22
C LEU L 66 -6.72 26.53 5.85
N VAL L 67 -6.28 27.07 4.71
CA VAL L 67 -6.76 28.35 4.24
C VAL L 67 -8.25 28.34 3.91
N MET L 68 -8.76 27.24 3.36
CA MET L 68 -10.18 27.18 3.01
C MET L 68 -11.02 27.10 4.29
N GLU L 69 -10.46 26.44 5.30
CA GLU L 69 -11.13 26.29 6.58
C GLU L 69 -11.14 27.64 7.27
N LEU L 70 -10.02 28.37 7.18
CA LEU L 70 -9.93 29.68 7.78
C LEU L 70 -10.95 30.63 7.13
N GLU L 71 -11.13 30.50 5.82
CA GLU L 71 -12.11 31.31 5.12
C GLU L 71 -13.50 31.12 5.74
N ASP L 72 -13.89 29.85 5.90
CA ASP L 72 -15.19 29.49 6.46
C ASP L 72 -15.31 29.90 7.93
N GLU L 73 -14.23 29.71 8.68
N GLU L 73 -14.24 29.71 8.70
CA GLU L 73 -14.22 30.05 10.10
CA GLU L 73 -14.26 30.06 10.12
C GLU L 73 -14.38 31.55 10.33
C GLU L 73 -14.39 31.56 10.33
N PHE L 74 -13.59 32.34 9.61
CA PHE L 74 -13.61 33.81 9.76
C PHE L 74 -14.46 34.59 8.74
N GLY L 75 -15.25 33.90 7.93
CA GLY L 75 -16.09 34.56 6.93
C GLY L 75 -15.37 35.60 6.08
N THR L 76 -14.28 35.19 5.44
CA THR L 76 -13.51 36.09 4.58
C THR L 76 -12.88 35.25 3.49
N GLU L 77 -12.34 35.90 2.46
CA GLU L 77 -11.69 35.16 1.37
C GLU L 77 -10.18 35.42 1.32
N ILE L 78 -9.43 34.33 1.13
CA ILE L 78 -7.96 34.36 1.10
C ILE L 78 -7.42 33.83 -0.24
N PRO L 79 -7.03 34.73 -1.16
CA PRO L 79 -6.51 34.27 -2.45
C PRO L 79 -5.17 33.52 -2.38
N ASP L 80 -4.83 32.82 -3.46
CA ASP L 80 -3.59 32.04 -3.51
C ASP L 80 -2.34 32.87 -3.25
N GLU L 81 -2.32 34.13 -3.71
CA GLU L 81 -1.15 34.97 -3.49
C GLU L 81 -0.90 35.28 -2.01
N GLU L 82 -1.93 35.11 -1.18
CA GLU L 82 -1.79 35.31 0.26
C GLU L 82 -1.47 33.97 0.92
N ALA L 83 -1.99 32.88 0.35
CA ALA L 83 -1.75 31.55 0.86
C ALA L 83 -0.34 31.08 0.57
N GLU L 84 0.21 31.52 -0.56
CA GLU L 84 1.56 31.14 -0.96
C GLU L 84 2.65 31.82 -0.13
N LYS L 85 2.31 32.88 0.58
CA LYS L 85 3.29 33.60 1.39
C LYS L 85 3.04 33.36 2.88
N ILE L 86 2.86 32.09 3.24
CA ILE L 86 2.64 31.71 4.63
C ILE L 86 3.26 30.31 4.78
N ASN L 87 4.44 30.27 5.40
CA ASN L 87 5.17 29.02 5.58
C ASN L 87 5.22 28.54 7.02
N THR L 88 4.87 29.42 7.95
CA THR L 88 4.87 29.09 9.37
C THR L 88 3.50 29.30 9.96
N VAL L 89 3.26 28.73 11.13
CA VAL L 89 2.00 28.88 11.82
C VAL L 89 1.79 30.37 12.14
N GLY L 90 2.89 31.09 12.37
CA GLY L 90 2.84 32.50 12.65
C GLY L 90 2.30 33.29 11.47
N ASP L 91 2.72 32.90 10.27
CA ASP L 91 2.23 33.55 9.06
C ASP L 91 0.71 33.45 9.00
N ALA L 92 0.17 32.29 9.38
CA ALA L 92 -1.27 32.06 9.38
C ALA L 92 -1.96 32.97 10.39
N VAL L 93 -1.43 33.00 11.61
CA VAL L 93 -1.99 33.81 12.66
C VAL L 93 -1.89 35.29 12.31
N LYS L 94 -0.79 35.68 11.67
CA LYS L 94 -0.59 37.07 11.30
C LYS L 94 -1.69 37.54 10.37
N PHE L 95 -2.01 36.72 9.37
CA PHE L 95 -3.04 37.08 8.41
C PHE L 95 -4.38 37.29 9.09
N ILE L 96 -4.77 36.37 9.97
CA ILE L 96 -6.04 36.49 10.69
C ILE L 96 -6.06 37.80 11.48
N ASN L 97 -4.93 38.13 12.11
CA ASN L 97 -4.83 39.38 12.88
C ASN L 97 -4.98 40.61 12.02
N SER L 98 -4.55 40.52 10.76
CA SER L 98 -4.64 41.67 9.84
C SER L 98 -6.09 42.00 9.51
N LEU L 99 -7.00 41.06 9.76
CA LEU L 99 -8.42 41.29 9.51
C LEU L 99 -8.96 42.34 10.49
#